data_1NSZ
#
_entry.id   1NSZ
#
_cell.length_a   44.900
_cell.length_b   76.500
_cell.length_c   210.800
_cell.angle_alpha   90.00
_cell.angle_beta   90.00
_cell.angle_gamma   90.00
#
_symmetry.space_group_name_H-M   'P 21 21 21'
#
loop_
_entity.id
_entity.type
_entity.pdbx_description
1 polymer 'GALACTOSE MUTAROTASE'
2 non-polymer alpha-D-glucopyranose
3 non-polymer 'SODIUM ION'
4 water water
#
_entity_poly.entity_id   1
_entity_poly.type   'polypeptide(L)'
_entity_poly.pdbx_seq_one_letter_code
;MSIKIRDFGLGSDLISLTNKAGVTISFTNLGARIVDWQKDGKHLILGFDSAKEYLEKDAYPGATVGPTAGRIKDGLVKIS
GKDYILNQNEGPQTLHGGEESIHTKLWTYEVTDLGAEVQVKFSLVSNDGTNGYPGKIEMSVTHSFDDDNKWKIHYEAISD
KDTVFNPTGNVYFNLNGDASESVENHGLRLAASRFVPLKDQTEIVRGDIVDIKNTDLDFRQEKQLSNAFNSNMEQVQLVK
GIDHPFLLDQLGLDKEQARLTLDDTSISVFTDQPSIVIFTANFGDLGTLYHEKKQVHHGGITFECQVSPGSEQIPELGDI
SLKAGEKYQATTIYSLHTKLEHHHHHH
;
_entity_poly.pdbx_strand_id   A,B
#
# COMPACT_ATOMS: atom_id res chain seq x y z
N SER A 2 3.54 -10.87 26.70
CA SER A 2 4.06 -9.57 26.40
C SER A 2 4.07 -9.27 24.88
N ILE A 3 4.08 -7.98 24.55
CA ILE A 3 4.08 -7.52 23.19
C ILE A 3 5.23 -6.59 22.96
N LYS A 4 5.92 -6.78 21.84
CA LYS A 4 6.99 -5.84 21.54
C LYS A 4 6.89 -5.46 20.09
N ILE A 5 7.06 -4.18 19.79
CA ILE A 5 7.05 -3.73 18.39
C ILE A 5 8.36 -3.06 18.04
N ARG A 6 8.94 -3.48 16.95
CA ARG A 6 10.16 -2.86 16.56
C ARG A 6 10.24 -2.67 15.02
N ASP A 7 11.20 -1.87 14.59
CA ASP A 7 11.40 -1.62 13.19
C ASP A 7 11.95 -2.89 12.52
N PHE A 8 11.36 -3.30 11.41
CA PHE A 8 11.80 -4.48 10.72
C PHE A 8 12.48 -4.19 9.40
N GLY A 9 12.61 -2.88 9.11
CA GLY A 9 13.24 -2.44 7.86
C GLY A 9 12.27 -1.92 6.80
N LEU A 10 12.74 -0.91 6.06
CA LEU A 10 11.94 -0.31 4.97
C LEU A 10 10.65 0.33 5.45
N GLY A 11 10.61 0.64 6.74
CA GLY A 11 9.41 1.23 7.30
C GLY A 11 8.45 0.16 7.79
N SER A 12 8.77 -1.13 7.62
CA SER A 12 7.87 -2.18 8.12
C SER A 12 8.09 -2.38 9.62
N ASP A 13 7.09 -2.95 10.28
CA ASP A 13 7.20 -3.22 11.70
C ASP A 13 7.22 -4.70 11.97
N LEU A 14 7.84 -5.05 13.09
CA LEU A 14 7.86 -6.42 13.57
C LEU A 14 7.13 -6.43 14.90
N ILE A 15 6.07 -7.21 14.98
CA ILE A 15 5.27 -7.27 16.18
C ILE A 15 5.48 -8.67 16.80
N SER A 16 6.07 -8.73 18.00
CA SER A 16 6.36 -10.00 18.69
C SER A 16 5.52 -10.23 19.92
N LEU A 17 4.89 -11.41 19.91
CA LEU A 17 4.01 -11.82 20.99
C LEU A 17 4.55 -13.03 21.74
N THR A 18 4.62 -12.87 23.07
CA THR A 18 5.07 -13.93 23.96
C THR A 18 3.97 -14.25 24.92
N ASN A 19 3.54 -15.50 24.91
CA ASN A 19 2.43 -15.86 25.76
C ASN A 19 2.88 -16.32 27.12
N LYS A 20 1.91 -16.79 27.89
CA LYS A 20 2.20 -17.28 29.22
C LYS A 20 3.20 -18.42 29.24
N ALA A 21 3.20 -19.25 28.23
CA ALA A 21 4.13 -20.36 28.22
C ALA A 21 5.56 -20.01 27.78
N GLY A 22 5.78 -18.75 27.45
CA GLY A 22 7.10 -18.42 27.01
C GLY A 22 7.31 -18.64 25.52
N VAL A 23 6.23 -18.94 24.82
CA VAL A 23 6.39 -19.14 23.39
C VAL A 23 6.26 -17.80 22.68
N THR A 24 7.14 -17.61 21.72
CA THR A 24 7.16 -16.36 20.95
C THR A 24 6.80 -16.50 19.45
N ILE A 25 5.87 -15.65 19.02
CA ILE A 25 5.44 -15.61 17.62
C ILE A 25 5.58 -14.16 17.13
N SER A 26 6.03 -14.00 15.90
CA SER A 26 6.21 -12.63 15.45
C SER A 26 5.69 -12.41 14.03
N PHE A 27 5.11 -11.21 13.79
CA PHE A 27 4.54 -10.84 12.50
C PHE A 27 5.05 -9.54 11.99
N THR A 28 4.87 -9.39 10.69
CA THR A 28 5.22 -8.14 10.05
C THR A 28 4.06 -7.63 9.19
N ASN A 29 3.89 -6.29 9.15
CA ASN A 29 2.82 -5.70 8.33
C ASN A 29 3.20 -5.78 6.86
N LEU A 30 4.47 -6.11 6.57
CA LEU A 30 4.83 -6.28 5.20
C LEU A 30 4.21 -7.61 4.73
N GLY A 31 3.01 -7.54 4.12
CA GLY A 31 2.41 -8.76 3.65
C GLY A 31 1.60 -9.50 4.71
N ALA A 32 1.23 -8.81 5.83
CA ALA A 32 0.42 -9.43 6.94
C ALA A 32 0.93 -10.87 7.15
N ARG A 33 2.20 -10.89 7.54
CA ARG A 33 2.90 -12.13 7.54
C ARG A 33 3.57 -12.60 8.82
N ILE A 34 3.60 -13.93 8.95
CA ILE A 34 4.28 -14.55 10.11
C ILE A 34 5.77 -14.62 9.80
N VAL A 35 6.56 -14.09 10.71
CA VAL A 35 8.01 -14.09 10.51
C VAL A 35 8.78 -15.21 11.27
N ASP A 36 8.34 -15.48 12.51
CA ASP A 36 8.97 -16.47 13.35
C ASP A 36 8.00 -17.03 14.35
N TRP A 37 8.39 -18.20 14.84
CA TRP A 37 7.60 -18.91 15.82
C TRP A 37 8.62 -19.79 16.53
N GLN A 38 8.85 -19.47 17.79
CA GLN A 38 9.84 -20.27 18.50
C GLN A 38 9.55 -20.66 19.94
N LYS A 39 10.13 -21.83 20.23
CA LYS A 39 10.04 -22.45 21.53
C LYS A 39 11.40 -22.93 21.97
N ASP A 40 11.71 -22.52 23.21
CA ASP A 40 12.96 -22.89 23.84
C ASP A 40 14.08 -22.69 22.89
N GLY A 41 14.07 -21.51 22.30
CA GLY A 41 15.11 -21.08 21.36
C GLY A 41 15.12 -21.73 19.99
N LYS A 42 14.11 -22.52 19.66
CA LYS A 42 14.17 -23.09 18.36
C LYS A 42 13.09 -22.55 17.44
N HIS A 43 13.42 -22.29 16.20
CA HIS A 43 12.43 -21.84 15.22
C HIS A 43 11.64 -23.03 14.71
N LEU A 44 10.33 -22.85 14.63
CA LEU A 44 9.47 -23.91 14.12
C LEU A 44 9.13 -23.73 12.65
N ILE A 45 9.34 -22.49 12.17
CA ILE A 45 9.01 -22.12 10.80
C ILE A 45 10.17 -21.43 10.18
N LEU A 46 10.07 -21.26 8.84
CA LEU A 46 11.13 -20.57 8.09
C LEU A 46 10.86 -19.05 8.05
N GLY A 47 11.92 -18.24 8.12
CA GLY A 47 11.72 -16.81 8.07
C GLY A 47 13.08 -16.14 8.02
N PHE A 48 13.03 -14.87 7.66
CA PHE A 48 14.21 -14.04 7.51
C PHE A 48 14.40 -13.08 8.67
N ASP A 49 15.47 -12.35 8.62
CA ASP A 49 15.74 -11.43 9.69
C ASP A 49 15.39 -9.96 9.46
N SER A 50 14.96 -9.60 8.25
CA SER A 50 14.59 -8.22 7.94
C SER A 50 13.70 -8.20 6.73
N ALA A 51 13.02 -7.04 6.61
CA ALA A 51 12.10 -6.85 5.50
C ALA A 51 12.80 -7.01 4.13
N LYS A 52 13.99 -6.44 4.03
CA LYS A 52 14.74 -6.49 2.78
C LYS A 52 14.98 -7.89 2.26
N GLU A 53 15.19 -8.82 3.17
CA GLU A 53 15.47 -10.18 2.77
C GLU A 53 14.30 -10.81 2.07
N TYR A 54 13.14 -10.51 2.62
CA TYR A 54 11.98 -11.05 1.99
C TYR A 54 11.85 -10.53 0.57
N LEU A 55 12.09 -9.23 0.41
CA LEU A 55 11.99 -8.65 -0.89
C LEU A 55 13.08 -9.11 -1.83
N GLU A 56 14.22 -9.39 -1.32
CA GLU A 56 15.28 -9.82 -2.21
C GLU A 56 15.38 -11.32 -2.44
N LYS A 57 15.03 -12.06 -1.41
CA LYS A 57 15.17 -13.47 -1.51
C LYS A 57 13.93 -14.21 -1.92
N ASP A 58 12.88 -14.03 -1.18
CA ASP A 58 11.67 -14.75 -1.50
C ASP A 58 10.60 -14.07 -0.68
N ALA A 59 9.65 -13.48 -1.38
CA ALA A 59 8.60 -12.71 -0.73
C ALA A 59 7.42 -13.48 -0.27
N TYR A 60 7.41 -14.75 -0.56
CA TYR A 60 6.25 -15.56 -0.19
C TYR A 60 6.19 -16.14 1.20
N PRO A 61 7.33 -16.59 1.72
CA PRO A 61 7.31 -17.26 3.01
C PRO A 61 6.58 -16.55 4.16
N GLY A 62 5.58 -17.20 4.77
CA GLY A 62 4.82 -16.63 5.89
C GLY A 62 3.73 -15.62 5.53
N ALA A 63 3.68 -15.21 4.25
CA ALA A 63 2.74 -14.15 3.85
C ALA A 63 1.32 -14.52 3.59
N THR A 64 0.49 -13.47 3.65
CA THR A 64 -0.89 -13.58 3.24
C THR A 64 -0.78 -13.39 1.72
N VAL A 65 -1.27 -14.36 0.95
CA VAL A 65 -1.22 -14.30 -0.52
C VAL A 65 -2.65 -14.29 -1.07
N GLY A 66 -2.84 -13.56 -2.16
CA GLY A 66 -4.14 -13.41 -2.78
C GLY A 66 -4.09 -12.28 -3.77
N PRO A 67 -5.25 -11.80 -4.20
CA PRO A 67 -6.59 -12.23 -3.74
C PRO A 67 -6.91 -13.66 -3.99
N THR A 68 -6.26 -14.24 -5.00
CA THR A 68 -6.48 -15.65 -5.24
C THR A 68 -5.18 -16.39 -5.04
N ALA A 69 -5.19 -17.43 -4.18
CA ALA A 69 -3.97 -18.23 -3.92
C ALA A 69 -3.82 -19.37 -4.97
N GLY A 70 -2.60 -19.58 -5.41
CA GLY A 70 -2.40 -20.64 -6.37
C GLY A 70 -2.30 -20.14 -7.79
N ARG A 71 -2.26 -21.10 -8.73
CA ARG A 71 -2.17 -20.79 -10.14
C ARG A 71 -3.50 -20.80 -10.84
N ILE A 72 -3.70 -19.75 -11.66
CA ILE A 72 -4.88 -19.62 -12.53
C ILE A 72 -4.43 -19.74 -14.00
N LYS A 73 -4.91 -20.81 -14.66
CA LYS A 73 -4.56 -21.06 -16.04
C LYS A 73 -4.84 -19.86 -16.95
N ASP A 74 -3.81 -19.46 -17.68
CA ASP A 74 -3.90 -18.33 -18.60
C ASP A 74 -4.34 -17.02 -17.97
N GLY A 75 -4.33 -16.95 -16.64
CA GLY A 75 -4.77 -15.75 -15.97
C GLY A 75 -6.25 -15.50 -16.22
N LEU A 76 -6.99 -16.51 -16.66
CA LEU A 76 -8.37 -16.28 -16.96
C LEU A 76 -9.45 -16.72 -15.97
N VAL A 77 -10.34 -15.77 -15.60
CA VAL A 77 -11.48 -16.10 -14.75
C VAL A 77 -12.74 -15.55 -15.41
N LYS A 78 -13.89 -16.17 -15.12
CA LYS A 78 -15.14 -15.69 -15.68
C LYS A 78 -15.89 -15.10 -14.53
N ILE A 79 -16.36 -13.87 -14.70
CA ILE A 79 -17.11 -13.19 -13.65
C ILE A 79 -18.39 -12.74 -14.26
N SER A 80 -19.49 -13.21 -13.65
CA SER A 80 -20.84 -12.90 -14.15
C SER A 80 -20.93 -13.13 -15.66
N GLY A 81 -20.42 -14.29 -16.09
CA GLY A 81 -20.41 -14.70 -17.48
C GLY A 81 -19.39 -13.94 -18.33
N LYS A 82 -18.57 -13.09 -17.71
CA LYS A 82 -17.61 -12.36 -18.49
C LYS A 82 -16.18 -12.78 -18.18
N ASP A 83 -15.35 -12.82 -19.22
CA ASP A 83 -13.95 -13.18 -19.11
C ASP A 83 -13.13 -11.99 -18.66
N TYR A 84 -12.28 -12.27 -17.70
CA TYR A 84 -11.37 -11.26 -17.20
C TYR A 84 -9.98 -11.87 -17.18
N ILE A 85 -8.99 -11.11 -17.66
CA ILE A 85 -7.61 -11.55 -17.64
C ILE A 85 -6.85 -10.82 -16.52
N LEU A 86 -6.34 -11.59 -15.57
CA LEU A 86 -5.58 -11.09 -14.43
C LEU A 86 -4.14 -10.97 -14.81
N ASN A 87 -3.40 -10.24 -13.99
CA ASN A 87 -1.97 -10.08 -14.22
C ASN A 87 -1.29 -11.49 -14.32
N GLN A 88 -0.45 -11.65 -15.32
CA GLN A 88 0.21 -12.92 -15.51
C GLN A 88 1.66 -12.81 -15.07
N ASN A 89 2.05 -13.58 -14.07
CA ASN A 89 3.41 -13.46 -13.56
C ASN A 89 4.21 -14.73 -13.57
N GLU A 90 3.69 -15.77 -14.19
CA GLU A 90 4.45 -17.01 -14.26
C GLU A 90 4.09 -17.57 -15.59
N GLY A 91 4.76 -17.08 -16.62
CA GLY A 91 4.35 -17.52 -17.94
C GLY A 91 2.94 -16.89 -18.09
N PRO A 92 2.01 -17.58 -18.70
CA PRO A 92 0.66 -17.07 -18.88
C PRO A 92 -0.22 -17.29 -17.66
N GLN A 93 0.32 -17.87 -16.60
CA GLN A 93 -0.50 -18.10 -15.44
C GLN A 93 -0.41 -16.93 -14.49
N THR A 94 -1.44 -16.82 -13.72
CA THR A 94 -1.51 -15.85 -12.63
C THR A 94 -1.28 -16.68 -11.35
N LEU A 95 -0.13 -16.50 -10.70
CA LEU A 95 0.25 -17.23 -9.48
C LEU A 95 0.13 -16.30 -8.28
N HIS A 96 -0.61 -16.69 -7.27
CA HIS A 96 -0.71 -15.84 -6.07
C HIS A 96 -1.08 -14.37 -6.31
N GLY A 97 -2.09 -14.15 -7.16
CA GLY A 97 -2.60 -12.82 -7.41
C GLY A 97 -1.80 -11.93 -8.37
N GLY A 98 -0.78 -12.44 -9.01
CA GLY A 98 -0.06 -11.56 -9.95
C GLY A 98 1.18 -10.89 -9.32
N GLU A 99 1.88 -10.11 -10.12
CA GLU A 99 3.10 -9.45 -9.67
C GLU A 99 2.82 -8.40 -8.62
N GLU A 100 3.81 -8.14 -7.79
CA GLU A 100 3.68 -7.07 -6.78
C GLU A 100 2.35 -7.08 -6.06
N SER A 101 1.92 -8.27 -5.71
CA SER A 101 0.64 -8.43 -5.06
C SER A 101 0.58 -8.06 -3.58
N ILE A 102 -0.48 -8.49 -2.91
CA ILE A 102 -0.68 -8.11 -1.52
C ILE A 102 0.38 -8.56 -0.54
N HIS A 103 1.14 -9.58 -0.91
CA HIS A 103 2.20 -10.01 -0.02
C HIS A 103 3.37 -9.02 0.02
N THR A 104 3.45 -8.09 -0.94
CA THR A 104 4.54 -7.11 -1.02
C THR A 104 4.14 -5.70 -0.56
N LYS A 105 2.92 -5.54 -0.07
CA LYS A 105 2.47 -4.21 0.38
C LYS A 105 2.50 -4.13 1.91
N LEU A 106 2.65 -2.89 2.42
CA LEU A 106 2.65 -2.65 3.84
C LEU A 106 1.20 -2.46 4.19
N TRP A 107 0.70 -3.30 5.08
CA TRP A 107 -0.67 -3.22 5.45
C TRP A 107 -0.75 -2.39 6.72
N THR A 108 -1.90 -1.75 7.01
CA THR A 108 -1.99 -1.02 8.27
C THR A 108 -2.41 -2.09 9.30
N TYR A 109 -2.23 -1.81 10.59
CA TYR A 109 -2.63 -2.76 11.64
C TYR A 109 -2.83 -2.10 13.00
N GLU A 110 -3.54 -2.86 13.80
CA GLU A 110 -3.87 -2.50 15.15
C GLU A 110 -3.78 -3.76 15.96
N VAL A 111 -3.27 -3.57 17.17
CA VAL A 111 -3.06 -4.63 18.14
C VAL A 111 -4.10 -4.57 19.20
N THR A 112 -4.65 -5.70 19.56
CA THR A 112 -5.66 -5.80 20.62
C THR A 112 -5.24 -6.90 21.60
N ASP A 113 -4.93 -6.46 22.83
CA ASP A 113 -4.51 -7.32 23.91
C ASP A 113 -5.70 -7.73 24.73
N LEU A 114 -6.02 -9.01 24.67
CA LEU A 114 -7.15 -9.55 25.42
C LEU A 114 -6.72 -10.40 26.61
N GLY A 115 -5.43 -10.34 26.92
CA GLY A 115 -4.90 -11.07 28.05
C GLY A 115 -4.41 -12.43 27.65
N ALA A 116 -5.32 -13.41 27.66
CA ALA A 116 -4.98 -14.79 27.32
C ALA A 116 -4.66 -14.89 25.84
N GLU A 117 -5.24 -13.95 25.13
CA GLU A 117 -5.11 -13.79 23.68
C GLU A 117 -4.78 -12.37 23.22
N VAL A 118 -3.97 -12.30 22.18
CA VAL A 118 -3.64 -11.01 21.59
C VAL A 118 -3.90 -11.08 20.11
N GLN A 119 -4.53 -10.06 19.59
CA GLN A 119 -4.83 -10.07 18.18
C GLN A 119 -4.15 -8.95 17.44
N VAL A 120 -3.70 -9.23 16.24
CA VAL A 120 -3.10 -8.22 15.39
C VAL A 120 -3.93 -8.19 14.11
N LYS A 121 -4.73 -7.12 13.93
CA LYS A 121 -5.58 -6.94 12.76
C LYS A 121 -4.94 -6.10 11.65
N PHE A 122 -4.62 -6.75 10.54
CA PHE A 122 -4.01 -6.08 9.41
C PHE A 122 -5.07 -5.71 8.41
N SER A 123 -4.95 -4.54 7.76
CA SER A 123 -5.94 -4.13 6.77
C SER A 123 -5.28 -3.56 5.54
N LEU A 124 -5.94 -3.83 4.42
CA LEU A 124 -5.50 -3.38 3.12
C LEU A 124 -6.71 -3.31 2.20
N VAL A 125 -6.62 -2.29 1.33
CA VAL A 125 -7.63 -2.07 0.27
C VAL A 125 -6.99 -2.35 -1.07
N SER A 126 -7.63 -3.29 -1.76
CA SER A 126 -7.25 -3.63 -3.13
C SER A 126 -8.22 -2.79 -4.01
N ASN A 127 -7.64 -1.79 -4.72
CA ASN A 127 -8.39 -0.88 -5.56
C ASN A 127 -9.07 -1.64 -6.68
N ASP A 128 -10.22 -1.12 -7.11
CA ASP A 128 -10.86 -1.75 -8.23
C ASP A 128 -9.89 -1.74 -9.45
N GLY A 129 -9.76 -2.89 -10.09
CA GLY A 129 -8.93 -3.04 -11.28
C GLY A 129 -7.50 -3.47 -10.97
N THR A 130 -7.09 -3.45 -9.70
CA THR A 130 -5.72 -3.85 -9.34
C THR A 130 -5.35 -5.25 -9.87
N ASN A 131 -4.35 -5.30 -10.74
CA ASN A 131 -3.93 -6.58 -11.35
C ASN A 131 -5.05 -7.33 -12.11
N GLY A 132 -6.09 -6.56 -12.53
CA GLY A 132 -7.20 -7.10 -13.30
C GLY A 132 -8.36 -7.49 -12.45
N TYR A 133 -8.23 -7.40 -11.12
CA TYR A 133 -9.34 -7.81 -10.27
C TYR A 133 -10.36 -6.71 -10.03
N PRO A 134 -11.64 -6.99 -10.24
CA PRO A 134 -12.68 -6.02 -9.95
C PRO A 134 -12.70 -5.80 -8.44
N GLY A 135 -13.05 -4.58 -7.98
CA GLY A 135 -13.06 -4.23 -6.57
C GLY A 135 -13.85 -2.97 -6.40
N LYS A 136 -13.50 -2.10 -5.45
CA LYS A 136 -12.42 -2.32 -4.54
C LYS A 136 -12.81 -3.40 -3.51
N ILE A 137 -11.74 -4.07 -3.02
CA ILE A 137 -11.91 -5.12 -2.03
C ILE A 137 -11.32 -4.65 -0.72
N GLU A 138 -12.14 -4.54 0.30
CA GLU A 138 -11.55 -4.15 1.55
C GLU A 138 -11.21 -5.42 2.29
N MET A 139 -9.92 -5.67 2.56
CA MET A 139 -9.49 -6.92 3.20
C MET A 139 -8.88 -6.74 4.58
N SER A 140 -9.12 -7.73 5.46
CA SER A 140 -8.47 -7.72 6.75
C SER A 140 -8.07 -9.15 7.11
N VAL A 141 -6.88 -9.26 7.71
CA VAL A 141 -6.38 -10.54 8.15
C VAL A 141 -6.03 -10.35 9.60
N THR A 142 -6.59 -11.16 10.47
CA THR A 142 -6.27 -11.04 11.89
C THR A 142 -5.46 -12.25 12.34
N HIS A 143 -4.22 -12.01 12.76
CA HIS A 143 -3.44 -13.10 13.29
C HIS A 143 -3.56 -13.00 14.82
N SER A 144 -3.86 -14.09 15.49
CA SER A 144 -3.87 -14.02 16.94
C SER A 144 -3.06 -15.18 17.53
N PHE A 145 -2.68 -15.01 18.79
CA PHE A 145 -1.90 -16.01 19.51
C PHE A 145 -2.37 -16.04 20.94
N ASP A 146 -2.51 -17.24 21.47
CA ASP A 146 -3.01 -17.34 22.83
C ASP A 146 -2.17 -18.19 23.79
N ASP A 147 -2.59 -18.14 25.03
CA ASP A 147 -1.88 -18.92 26.00
C ASP A 147 -1.91 -20.41 25.78
N ASP A 148 -2.80 -20.96 24.93
CA ASP A 148 -2.83 -22.42 24.70
C ASP A 148 -2.00 -22.77 23.48
N ASN A 149 -1.14 -21.82 23.08
CA ASN A 149 -0.28 -21.99 21.94
C ASN A 149 -1.01 -22.10 20.63
N LYS A 150 -2.21 -21.47 20.56
CA LYS A 150 -2.93 -21.55 19.29
C LYS A 150 -2.70 -20.32 18.45
N TRP A 151 -2.18 -20.51 17.24
CA TRP A 151 -2.04 -19.38 16.33
C TRP A 151 -3.18 -19.45 15.30
N LYS A 152 -4.05 -18.48 15.36
CA LYS A 152 -5.22 -18.42 14.47
C LYS A 152 -5.15 -17.26 13.43
N ILE A 153 -5.62 -17.53 12.22
CA ILE A 153 -5.69 -16.54 11.11
C ILE A 153 -7.16 -16.44 10.68
N HIS A 154 -7.69 -15.25 10.82
CA HIS A 154 -9.06 -15.06 10.44
C HIS A 154 -9.09 -13.97 9.37
N TYR A 155 -9.63 -14.34 8.22
CA TYR A 155 -9.77 -13.43 7.08
C TYR A 155 -11.18 -12.90 6.92
N GLU A 156 -11.22 -11.67 6.51
CA GLU A 156 -12.47 -11.05 6.17
C GLU A 156 -12.31 -10.14 4.93
N ALA A 157 -13.37 -10.06 4.09
CA ALA A 157 -13.35 -9.16 2.92
C ALA A 157 -14.74 -8.80 2.45
N ILE A 158 -14.81 -7.60 1.83
CA ILE A 158 -16.00 -7.03 1.20
C ILE A 158 -15.58 -6.31 -0.05
N SER A 159 -16.29 -6.64 -1.12
CA SER A 159 -16.01 -6.05 -2.43
C SER A 159 -17.16 -5.17 -2.89
N ASP A 160 -16.82 -4.09 -3.63
CA ASP A 160 -17.85 -3.24 -4.19
C ASP A 160 -18.44 -3.89 -5.47
N LYS A 161 -17.74 -4.84 -6.06
CA LYS A 161 -18.23 -5.45 -7.26
C LYS A 161 -18.00 -6.93 -7.22
N ASP A 162 -18.78 -7.70 -8.01
CA ASP A 162 -18.57 -9.13 -8.07
C ASP A 162 -17.15 -9.36 -8.51
N THR A 163 -16.52 -10.25 -7.79
CA THR A 163 -15.12 -10.53 -8.04
C THR A 163 -14.79 -11.99 -7.63
N VAL A 164 -13.52 -12.28 -7.43
CA VAL A 164 -13.04 -13.60 -7.00
C VAL A 164 -12.15 -13.39 -5.80
N PHE A 165 -12.23 -14.32 -4.85
CA PHE A 165 -11.45 -14.16 -3.64
C PHE A 165 -11.18 -15.50 -2.94
N ASN A 166 -9.89 -15.80 -2.70
CA ASN A 166 -9.50 -17.08 -2.09
C ASN A 166 -8.07 -17.04 -1.67
N PRO A 167 -7.81 -16.21 -0.68
CA PRO A 167 -6.44 -16.07 -0.22
C PRO A 167 -5.97 -17.26 0.68
N THR A 168 -4.70 -17.22 1.07
CA THR A 168 -4.17 -18.25 1.96
C THR A 168 -2.95 -17.72 2.68
N GLY A 169 -2.53 -18.49 3.68
CA GLY A 169 -1.35 -18.17 4.48
C GLY A 169 -0.22 -19.09 3.98
N ASN A 170 0.94 -18.51 3.70
CA ASN A 170 2.05 -19.25 3.13
C ASN A 170 3.22 -19.60 4.08
N VAL A 171 2.93 -19.89 5.36
CA VAL A 171 3.98 -20.29 6.29
C VAL A 171 4.59 -21.63 5.84
N TYR A 172 5.88 -21.76 6.05
CA TYR A 172 6.62 -23.01 5.80
C TYR A 172 7.10 -23.49 7.17
N PHE A 173 6.76 -24.71 7.52
CA PHE A 173 7.22 -25.25 8.77
C PHE A 173 8.50 -26.04 8.58
N ASN A 174 9.31 -26.13 9.63
CA ASN A 174 10.53 -26.93 9.64
C ASN A 174 10.92 -27.13 11.09
N LEU A 175 10.41 -28.22 11.64
CA LEU A 175 10.62 -28.55 13.02
C LEU A 175 12.06 -28.86 13.35
N ASN A 176 12.93 -28.99 12.36
CA ASN A 176 14.33 -29.21 12.69
C ASN A 176 14.89 -27.91 13.21
N GLY A 177 14.18 -26.81 12.94
CA GLY A 177 14.65 -25.49 13.34
C GLY A 177 15.83 -25.04 12.46
N ASP A 178 16.08 -25.68 11.34
CA ASP A 178 17.22 -25.32 10.50
C ASP A 178 16.87 -25.72 9.07
N ALA A 179 17.00 -24.76 8.15
CA ALA A 179 16.64 -24.92 6.73
C ALA A 179 17.54 -25.85 5.97
N SER A 180 18.73 -26.07 6.52
CA SER A 180 19.68 -26.93 5.88
C SER A 180 19.32 -28.40 6.11
N GLU A 181 18.23 -28.63 6.87
CA GLU A 181 17.76 -29.96 7.18
C GLU A 181 16.38 -30.31 6.65
N SER A 182 16.37 -31.34 5.82
CA SER A 182 15.14 -31.82 5.24
C SER A 182 14.04 -32.22 6.25
N VAL A 183 12.79 -32.05 5.84
CA VAL A 183 11.66 -32.38 6.66
C VAL A 183 11.26 -33.83 6.46
N GLU A 184 12.08 -34.53 5.68
CA GLU A 184 11.84 -35.95 5.40
C GLU A 184 11.72 -36.80 6.67
N ASN A 185 12.29 -36.31 7.76
CA ASN A 185 12.21 -37.01 9.01
C ASN A 185 10.93 -36.68 9.73
N HIS A 186 10.11 -35.76 9.23
CA HIS A 186 8.90 -35.48 9.98
C HIS A 186 7.84 -36.47 9.58
N GLY A 187 6.91 -36.64 10.50
CA GLY A 187 5.79 -37.52 10.32
C GLY A 187 4.61 -36.62 9.99
N LEU A 188 3.80 -37.08 9.06
CA LEU A 188 2.65 -36.30 8.68
C LEU A 188 1.38 -37.12 8.68
N ARG A 189 0.33 -36.53 9.21
CA ARG A 189 -0.94 -37.18 9.16
C ARG A 189 -1.89 -36.22 8.45
N LEU A 190 -2.75 -36.72 7.59
CA LEU A 190 -3.65 -35.83 6.85
C LEU A 190 -4.94 -36.50 6.45
N ALA A 191 -6.04 -35.90 6.89
CA ALA A 191 -7.42 -36.40 6.67
C ALA A 191 -7.99 -36.15 5.26
N ALA A 192 -7.31 -36.71 4.25
CA ALA A 192 -7.73 -36.53 2.88
C ALA A 192 -7.50 -37.78 2.08
N SER A 193 -8.51 -38.18 1.36
CA SER A 193 -8.41 -39.40 0.57
C SER A 193 -8.20 -39.11 -0.90
N ARG A 194 -8.30 -37.83 -1.34
CA ARG A 194 -8.12 -37.44 -2.75
C ARG A 194 -7.18 -36.25 -2.93
N PHE A 195 -6.65 -36.18 -4.14
CA PHE A 195 -5.81 -35.09 -4.49
C PHE A 195 -6.06 -34.68 -5.94
N VAL A 196 -5.51 -33.51 -6.30
CA VAL A 196 -5.62 -32.91 -7.59
C VAL A 196 -4.29 -32.95 -8.28
N PRO A 197 -4.16 -33.86 -9.25
CA PRO A 197 -2.92 -33.97 -10.00
C PRO A 197 -2.69 -32.77 -10.92
N LEU A 198 -1.41 -32.54 -11.18
CA LEU A 198 -1.00 -31.46 -12.04
C LEU A 198 -0.78 -31.94 -13.48
N LYS A 199 -1.04 -31.09 -14.46
CA LYS A 199 -0.87 -31.50 -15.84
C LYS A 199 0.59 -31.76 -16.26
N ASP A 200 1.45 -30.88 -15.87
CA ASP A 200 2.84 -30.99 -16.21
C ASP A 200 3.59 -29.96 -15.42
N GLN A 201 4.84 -29.73 -15.83
CA GLN A 201 5.74 -28.77 -15.19
C GLN A 201 5.26 -27.32 -15.04
N THR A 202 4.21 -26.94 -15.77
CA THR A 202 3.67 -25.63 -15.64
C THR A 202 2.83 -25.59 -14.38
N GLU A 203 2.50 -26.79 -13.89
CA GLU A 203 1.79 -26.87 -12.65
C GLU A 203 0.35 -26.47 -12.66
N ILE A 204 -0.24 -26.41 -13.85
CA ILE A 204 -1.65 -26.12 -13.89
C ILE A 204 -2.33 -27.47 -13.61
N VAL A 205 -3.60 -27.46 -13.21
CA VAL A 205 -4.23 -28.73 -12.94
C VAL A 205 -4.42 -29.56 -14.18
N ARG A 206 -4.31 -30.85 -14.00
CA ARG A 206 -4.49 -31.77 -15.07
C ARG A 206 -5.95 -31.85 -15.53
N GLY A 207 -6.89 -31.71 -14.61
CA GLY A 207 -8.31 -31.74 -15.03
C GLY A 207 -9.16 -32.70 -14.23
N ASP A 208 -8.47 -33.65 -13.54
CA ASP A 208 -9.15 -34.68 -12.77
C ASP A 208 -8.86 -34.69 -11.29
N ILE A 209 -9.67 -35.47 -10.60
CA ILE A 209 -9.58 -35.69 -9.16
C ILE A 209 -9.26 -37.16 -8.97
N VAL A 210 -8.17 -37.41 -8.26
CA VAL A 210 -7.67 -38.75 -8.03
C VAL A 210 -7.67 -39.27 -6.59
N ASP A 211 -8.18 -40.49 -6.44
CA ASP A 211 -8.19 -41.16 -5.14
C ASP A 211 -6.78 -41.64 -4.83
N ILE A 212 -6.31 -41.29 -3.63
CA ILE A 212 -4.96 -41.62 -3.20
C ILE A 212 -4.89 -42.70 -2.16
N LYS A 213 -6.04 -43.23 -1.79
CA LYS A 213 -6.07 -44.28 -0.81
C LYS A 213 -5.09 -45.36 -1.20
N ASN A 214 -4.30 -45.77 -0.21
CA ASN A 214 -3.29 -46.81 -0.36
C ASN A 214 -2.21 -46.56 -1.42
N THR A 215 -1.68 -45.34 -1.42
CA THR A 215 -0.62 -44.94 -2.33
C THR A 215 0.41 -44.26 -1.46
N ASP A 216 1.54 -43.89 -2.05
CA ASP A 216 2.56 -43.25 -1.25
C ASP A 216 2.11 -41.91 -0.70
N LEU A 217 0.94 -41.45 -1.12
CA LEU A 217 0.41 -40.16 -0.68
C LEU A 217 -0.76 -40.32 0.27
N ASP A 218 -0.97 -41.53 0.77
CA ASP A 218 -2.06 -41.66 1.68
C ASP A 218 -1.52 -41.36 3.08
N PHE A 219 -1.99 -40.31 3.76
CA PHE A 219 -1.42 -40.00 5.06
C PHE A 219 -2.50 -40.02 6.07
N ARG A 220 -3.56 -40.72 5.67
CA ARG A 220 -4.67 -40.79 6.59
C ARG A 220 -4.18 -41.36 7.91
N GLN A 221 -3.12 -42.17 7.79
CA GLN A 221 -2.50 -42.77 8.93
C GLN A 221 -1.10 -42.20 9.01
N GLU A 222 -0.75 -41.64 10.16
CA GLU A 222 0.55 -41.01 10.26
C GLU A 222 1.64 -41.75 9.54
N LYS A 223 2.48 -41.00 8.87
CA LYS A 223 3.59 -41.52 8.13
C LYS A 223 4.74 -40.56 7.91
N GLN A 224 5.93 -41.10 7.74
CA GLN A 224 7.09 -40.27 7.55
C GLN A 224 7.15 -39.75 6.15
N LEU A 225 7.59 -38.51 6.05
CA LEU A 225 7.69 -37.84 4.75
C LEU A 225 8.57 -38.53 3.75
N SER A 226 9.64 -39.11 4.25
CA SER A 226 10.57 -39.79 3.35
C SER A 226 9.85 -40.76 2.44
N ASN A 227 8.77 -41.32 2.94
CA ASN A 227 8.08 -42.24 2.09
C ASN A 227 7.56 -41.58 0.85
N ALA A 228 6.93 -40.44 1.02
CA ALA A 228 6.42 -39.80 -0.15
C ALA A 228 7.57 -39.34 -1.01
N PHE A 229 8.58 -38.84 -0.35
CA PHE A 229 9.73 -38.37 -1.09
C PHE A 229 10.41 -39.48 -1.83
N ASN A 230 10.33 -40.70 -1.37
CA ASN A 230 11.06 -41.71 -2.14
C ASN A 230 10.18 -42.45 -3.08
N SER A 231 8.96 -41.98 -3.22
CA SER A 231 8.01 -42.63 -4.09
C SER A 231 8.35 -42.48 -5.56
N ASN A 232 7.85 -43.44 -6.32
CA ASN A 232 8.04 -43.38 -7.76
C ASN A 232 6.73 -42.99 -8.50
N MET A 233 5.69 -42.56 -7.76
CA MET A 233 4.47 -42.06 -8.39
C MET A 233 4.84 -40.93 -9.36
N GLU A 234 4.26 -40.93 -10.56
CA GLU A 234 4.64 -39.91 -11.51
C GLU A 234 4.38 -38.49 -10.99
N GLN A 235 3.32 -38.34 -10.20
CA GLN A 235 3.04 -37.00 -9.69
C GLN A 235 4.18 -36.50 -8.77
N VAL A 236 4.79 -37.43 -7.98
CA VAL A 236 5.90 -37.06 -7.07
C VAL A 236 7.13 -36.72 -7.87
N GLN A 237 7.32 -37.59 -8.83
CA GLN A 237 8.46 -37.46 -9.72
C GLN A 237 8.40 -36.18 -10.53
N LEU A 238 7.18 -35.82 -10.87
CA LEU A 238 6.92 -34.62 -11.66
C LEU A 238 7.47 -33.34 -10.99
N VAL A 239 7.16 -33.17 -9.71
CA VAL A 239 7.59 -31.97 -8.99
C VAL A 239 8.76 -32.16 -8.07
N LYS A 240 9.22 -33.41 -7.96
CA LYS A 240 10.33 -33.71 -7.09
C LYS A 240 9.96 -33.51 -5.62
N GLY A 241 8.77 -33.97 -5.24
CA GLY A 241 8.35 -33.82 -3.88
C GLY A 241 6.84 -33.75 -3.95
N ILE A 242 6.25 -32.88 -3.12
CA ILE A 242 4.81 -32.69 -3.15
C ILE A 242 4.58 -31.21 -3.45
N ASP A 243 3.52 -30.94 -4.25
CA ASP A 243 3.13 -29.57 -4.63
C ASP A 243 1.71 -29.68 -5.12
N HIS A 244 0.82 -30.09 -4.21
CA HIS A 244 -0.52 -30.38 -4.63
C HIS A 244 -1.58 -30.10 -3.62
N PRO A 245 -2.78 -29.94 -4.18
CA PRO A 245 -3.96 -29.73 -3.37
C PRO A 245 -4.53 -31.08 -2.91
N PHE A 246 -4.80 -31.21 -1.65
CA PHE A 246 -5.38 -32.42 -1.10
C PHE A 246 -6.77 -32.07 -0.68
N LEU A 247 -7.72 -32.92 -1.02
CA LEU A 247 -9.11 -32.64 -0.67
C LEU A 247 -9.52 -33.26 0.68
N LEU A 248 -9.83 -32.44 1.66
CA LEU A 248 -10.21 -32.91 2.97
C LEU A 248 -11.47 -33.76 2.92
N ASP A 249 -11.46 -34.85 3.69
CA ASP A 249 -12.63 -35.73 3.73
C ASP A 249 -13.84 -35.17 4.49
N GLN A 250 -13.56 -34.49 5.59
CA GLN A 250 -14.64 -33.93 6.38
C GLN A 250 -14.37 -32.47 6.69
N LEU A 251 -15.33 -31.64 6.32
CA LEU A 251 -15.17 -30.24 6.52
C LEU A 251 -15.64 -29.79 7.87
N GLY A 252 -14.99 -28.76 8.39
CA GLY A 252 -15.37 -28.25 9.70
C GLY A 252 -14.16 -27.81 10.45
N LEU A 253 -14.29 -26.71 11.20
CA LEU A 253 -13.20 -26.16 11.97
C LEU A 253 -12.83 -26.97 13.21
N ASP A 254 -13.75 -27.80 13.66
CA ASP A 254 -13.51 -28.59 14.85
C ASP A 254 -12.63 -29.81 14.66
N LYS A 255 -12.48 -30.28 13.45
CA LYS A 255 -11.68 -31.45 13.17
C LYS A 255 -10.20 -31.14 12.96
N GLU A 256 -9.31 -31.98 13.52
CA GLU A 256 -7.90 -31.76 13.26
C GLU A 256 -7.68 -32.35 11.86
N GLN A 257 -7.31 -31.49 10.92
CA GLN A 257 -7.20 -31.92 9.53
C GLN A 257 -5.86 -32.49 9.12
N ALA A 258 -4.85 -32.01 9.81
CA ALA A 258 -3.51 -32.47 9.54
C ALA A 258 -2.70 -32.33 10.81
N ARG A 259 -1.62 -33.07 10.87
CA ARG A 259 -0.68 -33.05 12.00
C ARG A 259 0.73 -33.35 11.54
N LEU A 260 1.60 -32.43 11.89
CA LEU A 260 3.01 -32.50 11.56
C LEU A 260 3.77 -32.74 12.85
N THR A 261 4.59 -33.81 12.84
CA THR A 261 5.32 -34.20 14.03
C THR A 261 6.78 -34.49 13.84
N LEU A 262 7.55 -34.08 14.87
CA LEU A 262 8.95 -34.37 14.94
C LEU A 262 9.26 -34.53 16.41
N ASP A 263 9.50 -35.78 16.82
CA ASP A 263 9.81 -36.07 18.22
C ASP A 263 8.70 -35.66 19.19
N ASP A 264 8.99 -34.85 20.22
CA ASP A 264 7.93 -34.49 21.17
C ASP A 264 7.08 -33.30 20.73
N THR A 265 7.46 -32.75 19.57
CA THR A 265 6.84 -31.57 19.01
C THR A 265 5.90 -31.83 17.83
N SER A 266 4.68 -31.33 17.99
CA SER A 266 3.70 -31.53 16.93
C SER A 266 2.82 -30.29 16.65
N ILE A 267 2.45 -30.11 15.36
CA ILE A 267 1.61 -28.99 14.91
C ILE A 267 0.35 -29.58 14.34
N SER A 268 -0.76 -29.09 14.84
CA SER A 268 -2.06 -29.50 14.36
C SER A 268 -2.68 -28.40 13.52
N VAL A 269 -3.34 -28.81 12.44
CA VAL A 269 -3.96 -27.84 11.56
C VAL A 269 -5.48 -27.96 11.57
N PHE A 270 -6.16 -26.83 11.77
CA PHE A 270 -7.62 -26.81 11.71
C PHE A 270 -8.05 -25.72 10.70
N THR A 271 -9.14 -25.94 9.94
CA THR A 271 -9.55 -24.90 9.01
C THR A 271 -11.01 -25.04 8.62
N ASP A 272 -11.55 -23.99 8.02
CA ASP A 272 -12.92 -24.15 7.58
C ASP A 272 -12.94 -24.28 6.07
N GLN A 273 -11.74 -24.39 5.52
CA GLN A 273 -11.56 -24.51 4.10
C GLN A 273 -11.62 -25.96 3.68
N PRO A 274 -11.88 -26.21 2.38
CA PRO A 274 -12.03 -27.57 1.88
C PRO A 274 -10.75 -28.23 1.42
N SER A 275 -9.68 -27.48 1.32
CA SER A 275 -8.49 -28.13 0.85
C SER A 275 -7.24 -27.57 1.47
N ILE A 276 -6.16 -28.34 1.38
CA ILE A 276 -4.87 -27.92 1.87
C ILE A 276 -3.87 -28.17 0.77
N VAL A 277 -3.17 -27.11 0.37
CA VAL A 277 -2.15 -27.25 -0.62
C VAL A 277 -0.82 -27.50 0.10
N ILE A 278 -0.17 -28.61 -0.24
CA ILE A 278 1.08 -28.97 0.42
C ILE A 278 2.23 -28.88 -0.51
N PHE A 279 3.18 -28.03 -0.14
CA PHE A 279 4.36 -27.84 -0.98
C PHE A 279 5.59 -28.07 -0.13
N THR A 280 6.44 -29.00 -0.57
CA THR A 280 7.64 -29.36 0.20
C THR A 280 8.98 -28.68 -0.19
N ALA A 281 8.93 -27.40 -0.51
CA ALA A 281 10.15 -26.64 -0.82
C ALA A 281 11.05 -27.41 -1.75
N ASN A 282 10.52 -27.79 -2.90
CA ASN A 282 11.26 -28.56 -3.88
C ASN A 282 12.17 -27.66 -4.69
N PHE A 283 13.04 -26.88 -4.03
CA PHE A 283 13.92 -25.92 -4.74
C PHE A 283 15.25 -26.40 -5.27
N GLY A 284 15.48 -27.70 -5.23
CA GLY A 284 16.77 -28.21 -5.68
C GLY A 284 17.98 -27.60 -4.93
N ASP A 285 18.89 -27.10 -5.72
CA ASP A 285 20.13 -26.50 -5.27
C ASP A 285 20.00 -25.02 -5.07
N LEU A 286 18.78 -24.51 -5.14
CA LEU A 286 18.67 -23.07 -4.99
C LEU A 286 19.47 -22.56 -3.77
N GLY A 287 19.35 -23.19 -2.62
CA GLY A 287 20.11 -22.78 -1.45
C GLY A 287 19.79 -21.41 -0.89
N THR A 288 18.52 -21.01 -0.92
CA THR A 288 18.19 -19.71 -0.32
C THR A 288 18.72 -19.68 1.12
N LEU A 289 19.21 -18.55 1.60
CA LEU A 289 19.71 -18.52 2.95
C LEU A 289 18.76 -18.03 4.01
N TYR A 290 18.60 -18.87 5.01
CA TYR A 290 17.76 -18.57 6.17
C TYR A 290 18.59 -18.62 7.42
N HIS A 291 18.77 -17.42 7.98
CA HIS A 291 19.54 -17.29 9.21
C HIS A 291 20.92 -17.87 8.93
N GLU A 292 21.44 -17.51 7.78
CA GLU A 292 22.75 -17.96 7.46
C GLU A 292 22.84 -19.42 7.04
N LYS A 293 21.75 -20.17 7.16
CA LYS A 293 21.74 -21.56 6.73
C LYS A 293 21.16 -21.73 5.29
N LYS A 294 21.95 -22.41 4.46
CA LYS A 294 21.58 -22.67 3.08
C LYS A 294 20.42 -23.68 3.02
N GLN A 295 19.31 -23.28 2.46
CA GLN A 295 18.18 -24.18 2.41
C GLN A 295 18.38 -25.37 1.48
N VAL A 296 17.96 -26.52 1.96
CA VAL A 296 18.03 -27.71 1.14
C VAL A 296 16.69 -28.03 0.50
N HIS A 297 16.81 -28.76 -0.59
CA HIS A 297 15.66 -29.27 -1.27
C HIS A 297 14.85 -29.99 -0.19
N HIS A 298 13.56 -29.71 -0.08
CA HIS A 298 12.74 -30.30 0.95
C HIS A 298 12.95 -29.73 2.34
N GLY A 299 13.62 -28.58 2.38
CA GLY A 299 13.90 -27.92 3.64
C GLY A 299 12.74 -27.13 4.19
N GLY A 300 11.50 -27.53 3.91
CA GLY A 300 10.32 -26.84 4.43
C GLY A 300 9.03 -27.46 3.91
N ILE A 301 7.92 -27.15 4.56
CA ILE A 301 6.61 -27.67 4.11
C ILE A 301 5.49 -26.72 4.46
N THR A 302 4.56 -26.54 3.50
CA THR A 302 3.42 -25.63 3.71
C THR A 302 2.14 -26.37 3.97
N PHE A 303 1.17 -25.67 4.54
CA PHE A 303 -0.19 -26.14 4.74
C PHE A 303 -1.07 -24.96 4.30
N GLU A 304 -1.23 -24.78 3.00
CA GLU A 304 -2.03 -23.64 2.52
C GLU A 304 -3.50 -24.00 2.48
N CYS A 305 -4.27 -23.56 3.46
CA CYS A 305 -5.69 -23.90 3.52
C CYS A 305 -6.52 -22.92 2.65
N GLN A 306 -7.27 -23.43 1.71
CA GLN A 306 -8.06 -22.57 0.81
C GLN A 306 -8.98 -23.47 -0.05
N VAL A 307 -9.68 -22.87 -1.01
CA VAL A 307 -10.46 -23.67 -1.95
C VAL A 307 -9.36 -24.08 -2.93
N SER A 308 -9.38 -25.33 -3.35
CA SER A 308 -8.34 -25.83 -4.25
C SER A 308 -8.16 -24.97 -5.51
N PRO A 309 -6.92 -24.80 -5.92
CA PRO A 309 -6.71 -24.11 -7.17
C PRO A 309 -7.26 -25.01 -8.29
N GLY A 310 -7.56 -24.45 -9.46
CA GLY A 310 -8.03 -25.26 -10.60
C GLY A 310 -9.53 -25.33 -10.78
N SER A 311 -10.28 -24.61 -9.95
CA SER A 311 -11.74 -24.63 -10.04
C SER A 311 -12.26 -24.01 -11.34
N GLU A 312 -11.38 -23.28 -12.02
CA GLU A 312 -11.71 -22.72 -13.33
C GLU A 312 -11.88 -23.86 -14.31
N GLN A 313 -11.17 -24.97 -14.10
CA GLN A 313 -11.30 -26.12 -14.99
C GLN A 313 -12.06 -27.28 -14.35
N ILE A 314 -12.15 -27.34 -13.01
CA ILE A 314 -12.82 -28.43 -12.26
C ILE A 314 -13.73 -27.83 -11.24
N PRO A 315 -14.89 -27.47 -11.70
CA PRO A 315 -15.93 -26.82 -10.93
C PRO A 315 -16.33 -27.56 -9.69
N GLU A 316 -16.11 -28.86 -9.70
CA GLU A 316 -16.46 -29.64 -8.53
C GLU A 316 -15.65 -29.18 -7.33
N LEU A 317 -14.46 -28.63 -7.60
CA LEU A 317 -13.62 -28.18 -6.52
C LEU A 317 -14.22 -27.07 -5.73
N GLY A 318 -15.16 -26.34 -6.31
CA GLY A 318 -15.74 -25.21 -5.58
C GLY A 318 -15.87 -23.97 -6.46
N ASP A 319 -16.12 -22.84 -5.82
CA ASP A 319 -16.32 -21.65 -6.58
C ASP A 319 -15.79 -20.50 -5.78
N ILE A 320 -14.84 -19.79 -6.36
CA ILE A 320 -14.27 -18.72 -5.57
C ILE A 320 -14.89 -17.36 -5.76
N SER A 321 -16.07 -17.30 -6.31
CA SER A 321 -16.63 -15.98 -6.54
C SER A 321 -17.01 -15.31 -5.27
N LEU A 322 -16.96 -13.99 -5.32
CA LEU A 322 -17.34 -13.15 -4.22
C LEU A 322 -18.26 -12.10 -4.82
N LYS A 323 -19.56 -12.15 -4.47
CA LYS A 323 -20.51 -11.18 -4.98
C LYS A 323 -20.47 -9.86 -4.24
N ALA A 324 -20.71 -8.77 -4.99
CA ALA A 324 -20.71 -7.44 -4.39
C ALA A 324 -21.56 -7.40 -3.13
N GLY A 325 -20.98 -6.85 -2.09
CA GLY A 325 -21.70 -6.70 -0.83
C GLY A 325 -21.69 -7.91 0.07
N GLU A 326 -21.23 -9.08 -0.37
CA GLU A 326 -21.19 -10.27 0.47
C GLU A 326 -19.94 -10.26 1.32
N LYS A 327 -20.07 -10.71 2.55
CA LYS A 327 -18.90 -10.72 3.42
C LYS A 327 -18.17 -12.06 3.41
N TYR A 328 -16.93 -12.04 2.98
CA TYR A 328 -16.11 -13.24 2.95
C TYR A 328 -15.47 -13.43 4.34
N GLN A 329 -15.48 -14.71 4.79
CA GLN A 329 -14.84 -15.10 6.06
C GLN A 329 -14.12 -16.42 5.89
N ALA A 330 -12.98 -16.51 6.51
CA ALA A 330 -12.19 -17.74 6.53
C ALA A 330 -11.39 -17.79 7.81
N THR A 331 -11.15 -19.03 8.28
CA THR A 331 -10.38 -19.24 9.50
C THR A 331 -9.51 -20.45 9.42
N THR A 332 -8.25 -20.24 9.78
CA THR A 332 -7.27 -21.33 9.82
C THR A 332 -6.53 -21.27 11.15
N ILE A 333 -6.30 -22.43 11.76
CA ILE A 333 -5.61 -22.50 13.06
C ILE A 333 -4.46 -23.50 13.07
N TYR A 334 -3.34 -23.00 13.58
CA TYR A 334 -2.15 -23.84 13.75
C TYR A 334 -1.89 -23.92 15.26
N SER A 335 -2.08 -25.13 15.78
CA SER A 335 -1.90 -25.39 17.19
C SER A 335 -0.63 -26.15 17.47
N LEU A 336 0.16 -25.63 18.38
CA LEU A 336 1.43 -26.22 18.81
C LEU A 336 1.28 -27.06 20.12
N HIS A 337 1.86 -28.26 20.14
CA HIS A 337 1.83 -29.14 21.29
C HIS A 337 3.16 -29.81 21.52
N THR A 338 3.42 -29.99 22.79
CA THR A 338 4.64 -30.66 23.20
C THR A 338 4.40 -31.88 24.10
N LYS A 339 4.86 -33.04 23.65
CA LYS A 339 4.63 -34.22 24.43
C LYS A 339 5.34 -34.24 25.76
N LEU A 340 4.50 -34.26 26.81
CA LEU A 340 4.93 -34.36 28.18
C LEU A 340 4.99 -35.81 28.59
N GLU A 341 6.25 -36.17 28.34
CA GLU A 341 6.91 -37.46 28.46
C GLU A 341 6.14 -38.58 27.78
N SER B 2 19.68 16.11 13.05
CA SER B 2 19.38 14.85 13.68
C SER B 2 18.13 14.25 13.05
N ILE B 3 18.04 12.93 13.08
CA ILE B 3 16.92 12.21 12.53
C ILE B 3 16.34 11.34 13.61
N LYS B 4 15.04 11.37 13.76
CA LYS B 4 14.42 10.57 14.74
C LYS B 4 13.26 9.88 14.09
N ILE B 5 12.90 8.68 14.57
CA ILE B 5 11.78 7.94 14.03
C ILE B 5 10.96 7.27 15.10
N ARG B 6 9.63 7.28 14.94
CA ARG B 6 8.78 6.64 15.90
C ARG B 6 7.52 6.20 15.24
N ASP B 7 6.77 5.35 15.92
CA ASP B 7 5.50 4.90 15.34
C ASP B 7 4.54 6.11 15.34
N PHE B 8 3.73 6.25 14.27
CA PHE B 8 2.81 7.38 14.17
C PHE B 8 1.37 6.91 14.25
N GLY B 9 1.20 5.60 14.30
CA GLY B 9 -0.15 5.04 14.40
C GLY B 9 -0.45 4.18 13.18
N LEU B 10 -1.27 3.16 13.43
CA LEU B 10 -1.71 2.21 12.40
C LEU B 10 -0.61 1.51 11.64
N GLY B 11 0.59 1.60 12.14
CA GLY B 11 1.65 0.96 11.41
C GLY B 11 2.48 1.98 10.64
N SER B 12 2.07 3.27 10.68
CA SER B 12 2.86 4.28 9.96
C SER B 12 3.94 4.81 10.92
N ASP B 13 4.95 5.42 10.34
CA ASP B 13 6.02 5.98 11.16
C ASP B 13 6.09 7.47 10.93
N LEU B 14 6.66 8.17 11.91
CA LEU B 14 6.90 9.60 11.82
C LEU B 14 8.42 9.79 11.74
N ILE B 15 8.91 10.49 10.72
CA ILE B 15 10.34 10.73 10.53
C ILE B 15 10.55 12.21 10.77
N SER B 16 11.30 12.56 11.81
CA SER B 16 11.51 13.95 12.16
C SER B 16 12.94 14.36 11.94
N LEU B 17 13.11 15.44 11.20
CA LEU B 17 14.46 15.93 10.91
C LEU B 17 14.64 17.31 11.53
N THR B 18 15.83 17.59 12.03
CA THR B 18 16.12 18.90 12.57
C THR B 18 17.40 19.29 11.88
N ASN B 19 17.45 20.44 11.25
CA ASN B 19 18.67 20.82 10.55
C ASN B 19 19.57 21.59 11.50
N LYS B 20 20.72 22.03 10.98
CA LYS B 20 21.65 22.77 11.79
C LYS B 20 21.07 24.09 12.29
N ALA B 21 20.09 24.66 11.62
CA ALA B 21 19.51 25.91 12.11
C ALA B 21 18.45 25.71 13.17
N GLY B 22 18.14 24.46 13.51
CA GLY B 22 17.14 24.22 14.54
C GLY B 22 15.72 24.13 14.00
N VAL B 23 15.61 24.17 12.66
CA VAL B 23 14.30 24.07 12.06
C VAL B 23 13.99 22.61 11.99
N THR B 24 12.76 22.25 12.31
CA THR B 24 12.38 20.84 12.24
C THR B 24 11.23 20.59 11.25
N ILE B 25 11.30 19.45 10.58
CA ILE B 25 10.25 19.13 9.64
C ILE B 25 9.97 17.64 9.80
N SER B 26 8.72 17.23 9.60
CA SER B 26 8.46 15.80 9.76
C SER B 26 7.54 15.22 8.70
N PHE B 27 7.81 13.94 8.41
CA PHE B 27 7.05 13.19 7.40
C PHE B 27 6.52 11.87 7.90
N THR B 28 5.55 11.35 7.16
CA THR B 28 4.99 10.03 7.45
C THR B 28 4.94 9.21 6.15
N ASN B 29 5.12 7.91 6.27
CA ASN B 29 5.05 7.06 5.06
C ASN B 29 3.59 6.79 4.70
N LEU B 30 2.63 7.28 5.51
CA LEU B 30 1.24 7.13 5.14
C LEU B 30 0.96 8.22 4.09
N GLY B 31 1.07 7.88 2.80
CA GLY B 31 0.86 8.87 1.75
C GLY B 31 2.10 9.74 1.43
N ALA B 32 3.32 9.28 1.79
CA ALA B 32 4.58 10.03 1.52
C ALA B 32 4.29 11.52 1.72
N ARG B 33 3.96 11.82 2.96
CA ARG B 33 3.40 13.10 3.32
C ARG B 33 4.13 13.91 4.33
N ILE B 34 4.05 15.23 4.15
CA ILE B 34 4.64 16.10 5.16
C ILE B 34 3.63 16.24 6.30
N VAL B 35 4.10 16.15 7.55
CA VAL B 35 3.20 16.25 8.69
C VAL B 35 3.32 17.58 9.38
N ASP B 36 4.55 18.05 9.53
CA ASP B 36 4.71 19.30 10.21
C ASP B 36 6.00 19.95 9.77
N TRP B 37 6.08 21.25 10.02
CA TRP B 37 7.20 22.09 9.70
C TRP B 37 7.12 23.20 10.72
N GLN B 38 8.11 23.28 11.60
CA GLN B 38 8.06 24.34 12.62
C GLN B 38 9.29 25.18 12.71
N LYS B 39 9.06 26.44 13.06
CA LYS B 39 10.15 27.32 13.30
C LYS B 39 9.88 27.98 14.62
N ASP B 40 10.81 27.85 15.51
CA ASP B 40 10.62 28.44 16.83
C ASP B 40 9.33 28.05 17.49
N GLY B 41 8.95 26.80 17.35
CA GLY B 41 7.78 26.28 17.99
C GLY B 41 6.46 26.65 17.32
N LYS B 42 6.56 27.28 16.16
CA LYS B 42 5.34 27.63 15.45
C LYS B 42 5.16 26.78 14.20
N HIS B 43 3.95 26.22 14.04
CA HIS B 43 3.66 25.44 12.87
C HIS B 43 3.53 26.35 11.68
N LEU B 44 4.24 26.04 10.60
CA LEU B 44 4.18 26.78 9.33
C LEU B 44 3.10 26.18 8.39
N ILE B 45 2.71 24.92 8.67
CA ILE B 45 1.72 24.21 7.87
C ILE B 45 0.70 23.57 8.75
N LEU B 46 -0.31 23.06 8.05
CA LEU B 46 -1.37 22.33 8.71
C LEU B 46 -1.04 20.85 8.72
N GLY B 47 -1.34 20.19 9.85
CA GLY B 47 -1.16 18.76 9.99
C GLY B 47 -1.82 18.31 11.29
N PHE B 48 -1.98 17.00 11.43
CA PHE B 48 -2.58 16.33 12.59
C PHE B 48 -1.48 15.68 13.49
N ASP B 49 -1.90 15.07 14.58
CA ASP B 49 -0.98 14.50 15.52
C ASP B 49 -0.85 13.00 15.41
N SER B 50 -1.66 12.33 14.61
CA SER B 50 -1.52 10.90 14.46
C SER B 50 -2.10 10.50 13.14
N ALA B 51 -1.69 9.34 12.71
CA ALA B 51 -2.15 8.79 11.47
C ALA B 51 -3.68 8.64 11.39
N LYS B 52 -4.29 8.19 12.45
CA LYS B 52 -5.73 7.98 12.42
C LYS B 52 -6.52 9.24 12.11
N GLU B 53 -5.98 10.42 12.50
CA GLU B 53 -6.66 11.70 12.26
C GLU B 53 -6.75 11.96 10.79
N TYR B 54 -5.67 11.61 10.10
CA TYR B 54 -5.70 11.80 8.66
C TYR B 54 -6.78 10.95 8.01
N LEU B 55 -6.81 9.68 8.42
CA LEU B 55 -7.77 8.77 7.86
C LEU B 55 -9.20 9.12 8.24
N GLU B 56 -9.36 9.68 9.40
CA GLU B 56 -10.71 10.03 9.80
C GLU B 56 -11.17 11.44 9.51
N LYS B 57 -10.25 12.42 9.52
CA LYS B 57 -10.66 13.80 9.29
C LYS B 57 -10.44 14.20 7.84
N ASP B 58 -9.23 14.13 7.35
CA ASP B 58 -9.02 14.53 5.98
C ASP B 58 -7.72 13.94 5.57
N ALA B 59 -7.79 13.03 4.63
CA ALA B 59 -6.59 12.34 4.18
C ALA B 59 -5.71 13.09 3.22
N TYR B 60 -6.12 14.28 2.71
CA TYR B 60 -5.28 14.98 1.74
C TYR B 60 -4.13 15.85 2.23
N PRO B 61 -4.35 16.53 3.33
CA PRO B 61 -3.30 17.44 3.79
C PRO B 61 -1.90 16.92 3.83
N GLY B 62 -1.03 17.62 3.15
CA GLY B 62 0.37 17.32 3.11
C GLY B 62 0.73 16.11 2.29
N ALA B 63 -0.27 15.44 1.72
CA ALA B 63 0.06 14.20 0.99
C ALA B 63 0.61 14.31 -0.40
N THR B 64 1.18 13.19 -0.85
CA THR B 64 1.57 13.03 -2.22
C THR B 64 0.26 12.53 -2.85
N VAL B 65 -0.29 13.23 -3.86
CA VAL B 65 -1.54 12.81 -4.51
C VAL B 65 -1.32 12.48 -6.02
N GLY B 66 -2.01 11.45 -6.50
CA GLY B 66 -1.88 11.03 -7.86
C GLY B 66 -2.63 9.74 -8.05
N PRO B 67 -2.32 9.02 -9.13
CA PRO B 67 -1.31 9.37 -10.12
C PRO B 67 -1.50 10.68 -10.88
N THR B 68 -2.72 11.15 -10.98
CA THR B 68 -3.02 12.39 -11.65
C THR B 68 -3.65 13.31 -10.64
N ALA B 69 -3.05 14.48 -10.49
CA ALA B 69 -3.59 15.45 -9.53
C ALA B 69 -4.71 16.33 -10.11
N GLY B 70 -5.77 16.53 -9.35
CA GLY B 70 -6.86 17.38 -9.82
C GLY B 70 -8.02 16.56 -10.35
N ARG B 71 -8.99 17.24 -10.97
CA ARG B 71 -10.19 16.64 -11.57
C ARG B 71 -10.05 16.33 -13.07
N ILE B 72 -10.47 15.11 -13.44
CA ILE B 72 -10.51 14.65 -14.81
C ILE B 72 -11.98 14.47 -15.12
N LYS B 73 -12.47 15.28 -16.04
CA LYS B 73 -13.90 15.28 -16.41
C LYS B 73 -14.40 13.93 -16.83
N ASP B 74 -15.43 13.43 -16.14
CA ASP B 74 -16.02 12.12 -16.42
C ASP B 74 -15.03 10.95 -16.28
N GLY B 75 -13.85 11.14 -15.70
CA GLY B 75 -12.83 10.09 -15.54
C GLY B 75 -12.25 9.57 -16.85
N LEU B 76 -12.46 10.32 -17.91
CA LEU B 76 -12.02 9.90 -19.21
C LEU B 76 -10.71 10.46 -19.71
N VAL B 77 -9.77 9.55 -19.98
CA VAL B 77 -8.47 9.94 -20.54
C VAL B 77 -8.25 9.18 -21.83
N LYS B 78 -7.41 9.74 -22.69
CA LYS B 78 -7.10 9.07 -23.92
C LYS B 78 -5.65 8.71 -23.94
N ILE B 79 -5.38 7.42 -23.96
CA ILE B 79 -3.99 6.98 -23.92
C ILE B 79 -3.59 6.23 -25.15
N SER B 80 -2.68 6.84 -25.87
CA SER B 80 -2.22 6.25 -27.11
C SER B 80 -3.39 5.79 -27.98
N GLY B 81 -4.23 6.78 -28.29
CA GLY B 81 -5.39 6.56 -29.12
C GLY B 81 -6.49 5.75 -28.49
N LYS B 82 -6.37 5.49 -27.22
CA LYS B 82 -7.39 4.70 -26.58
C LYS B 82 -7.98 5.41 -25.41
N ASP B 83 -9.28 5.23 -25.29
CA ASP B 83 -10.04 5.83 -24.20
C ASP B 83 -10.04 4.93 -22.97
N TYR B 84 -9.72 5.49 -21.82
CA TYR B 84 -9.75 4.72 -20.58
C TYR B 84 -10.54 5.49 -19.61
N ILE B 85 -11.34 4.78 -18.86
CA ILE B 85 -12.14 5.38 -17.82
C ILE B 85 -11.53 5.00 -16.46
N LEU B 86 -11.21 6.04 -15.69
CA LEU B 86 -10.61 5.93 -14.39
C LEU B 86 -11.64 5.92 -13.29
N ASN B 87 -11.22 5.54 -12.10
CA ASN B 87 -12.13 5.49 -10.98
C ASN B 87 -12.78 6.85 -10.76
N GLN B 88 -14.09 6.91 -10.66
CA GLN B 88 -14.74 8.21 -10.46
C GLN B 88 -15.15 8.34 -9.01
N ASN B 89 -14.56 9.27 -8.30
CA ASN B 89 -14.84 9.37 -6.90
C ASN B 89 -15.48 10.67 -6.49
N GLU B 90 -15.77 11.54 -7.47
CA GLU B 90 -16.42 12.82 -7.16
C GLU B 90 -17.47 13.00 -8.24
N GLY B 91 -18.60 12.38 -8.01
CA GLY B 91 -19.59 12.36 -9.06
C GLY B 91 -18.93 11.57 -10.22
N PRO B 92 -19.11 12.01 -11.47
CA PRO B 92 -18.48 11.33 -12.59
C PRO B 92 -17.04 11.74 -12.74
N GLN B 93 -16.59 12.55 -11.81
CA GLN B 93 -15.21 12.98 -11.89
C GLN B 93 -14.24 12.06 -11.12
N THR B 94 -13.02 12.04 -11.64
CA THR B 94 -11.90 11.37 -11.04
C THR B 94 -11.07 12.51 -10.41
N LEU B 95 -11.09 12.58 -9.07
CA LEU B 95 -10.37 13.59 -8.34
C LEU B 95 -9.15 12.94 -7.63
N HIS B 96 -7.95 13.53 -7.83
CA HIS B 96 -6.75 13.05 -7.17
C HIS B 96 -6.55 11.53 -7.24
N GLY B 97 -6.63 11.03 -8.48
CA GLY B 97 -6.38 9.62 -8.74
C GLY B 97 -7.47 8.64 -8.33
N GLY B 98 -8.62 9.12 -7.88
CA GLY B 98 -9.68 8.17 -7.52
C GLY B 98 -9.76 7.80 -6.03
N GLU B 99 -10.69 6.90 -5.67
CA GLU B 99 -10.81 6.54 -4.29
C GLU B 99 -9.64 5.71 -3.77
N GLU B 100 -9.38 5.83 -2.45
CA GLU B 100 -8.36 5.03 -1.79
C GLU B 100 -7.09 4.98 -2.59
N SER B 101 -6.68 6.15 -3.01
CA SER B 101 -5.49 6.30 -3.84
C SER B 101 -4.20 6.34 -3.04
N ILE B 102 -3.15 6.74 -3.71
CA ILE B 102 -1.83 6.70 -3.14
C ILE B 102 -1.61 7.44 -1.84
N HIS B 103 -2.47 8.42 -1.57
CA HIS B 103 -2.31 9.21 -0.36
C HIS B 103 -2.79 8.42 0.89
N THR B 104 -3.47 7.30 0.59
CA THR B 104 -3.98 6.49 1.66
C THR B 104 -3.12 5.24 1.94
N LYS B 105 -2.06 5.03 1.17
CA LYS B 105 -1.24 3.84 1.32
C LYS B 105 0.00 4.07 2.17
N LEU B 106 0.53 2.97 2.74
CA LEU B 106 1.78 2.98 3.51
C LEU B 106 2.88 2.75 2.48
N TRP B 107 3.76 3.73 2.29
CA TRP B 107 4.81 3.50 1.30
C TRP B 107 6.03 2.99 2.08
N THR B 108 6.90 2.24 1.43
CA THR B 108 8.13 1.80 2.11
C THR B 108 9.08 3.00 1.95
N TYR B 109 10.14 3.04 2.75
CA TYR B 109 11.08 4.16 2.65
C TYR B 109 12.46 3.82 3.19
N GLU B 110 13.41 4.66 2.81
CA GLU B 110 14.75 4.55 3.27
C GLU B 110 15.27 5.95 3.47
N VAL B 111 16.03 6.16 4.52
CA VAL B 111 16.57 7.46 4.82
C VAL B 111 18.04 7.58 4.49
N THR B 112 18.46 8.64 3.82
CA THR B 112 19.86 8.81 3.51
C THR B 112 20.40 10.10 4.10
N ASP B 113 21.37 9.95 4.98
CA ASP B 113 21.96 11.09 5.62
C ASP B 113 23.19 11.55 4.90
N LEU B 114 23.07 12.72 4.32
CA LEU B 114 24.15 13.35 3.61
C LEU B 114 24.74 14.47 4.42
N GLY B 115 24.45 14.50 5.69
CA GLY B 115 25.05 15.56 6.49
C GLY B 115 24.32 16.86 6.48
N ALA B 116 24.62 17.67 5.48
CA ALA B 116 23.97 18.96 5.36
C ALA B 116 22.56 18.84 4.79
N GLU B 117 22.31 17.68 4.20
CA GLU B 117 21.04 17.34 3.61
C GLU B 117 20.64 15.93 4.03
N VAL B 118 19.37 15.73 4.35
CA VAL B 118 18.89 14.39 4.70
C VAL B 118 17.74 14.06 3.73
N GLN B 119 17.79 12.89 3.09
CA GLN B 119 16.76 12.51 2.16
C GLN B 119 15.91 11.36 2.65
N VAL B 120 14.63 11.45 2.39
CA VAL B 120 13.71 10.38 2.75
C VAL B 120 13.00 9.99 1.48
N LYS B 121 13.41 8.85 0.94
CA LYS B 121 12.86 8.33 -0.27
C LYS B 121 11.78 7.28 -0.04
N PHE B 122 10.55 7.65 -0.40
CA PHE B 122 9.39 6.76 -0.26
C PHE B 122 9.11 6.07 -1.57
N SER B 123 8.72 4.80 -1.50
CA SER B 123 8.44 4.09 -2.74
C SER B 123 7.14 3.34 -2.69
N LEU B 124 6.55 3.18 -3.87
CA LEU B 124 5.29 2.47 -3.97
C LEU B 124 5.12 2.06 -5.40
N VAL B 125 4.44 0.96 -5.57
CA VAL B 125 4.13 0.45 -6.87
C VAL B 125 2.65 0.53 -7.10
N SER B 126 2.23 1.24 -8.15
CA SER B 126 0.81 1.24 -8.49
C SER B 126 0.65 0.06 -9.46
N ASN B 127 -0.08 -0.99 -9.08
CA ASN B 127 -0.19 -2.12 -10.05
C ASN B 127 -0.95 -1.77 -11.32
N ASP B 128 -0.66 -2.50 -12.40
CA ASP B 128 -1.38 -2.25 -13.61
C ASP B 128 -2.87 -2.39 -13.34
N GLY B 129 -3.68 -1.47 -13.88
CA GLY B 129 -5.14 -1.49 -13.73
C GLY B 129 -5.69 -0.81 -12.45
N THR B 130 -4.82 -0.49 -11.48
CA THR B 130 -5.28 0.14 -10.23
C THR B 130 -6.11 1.41 -10.53
N ASN B 131 -7.41 1.40 -10.12
CA ASN B 131 -8.27 2.56 -10.35
C ASN B 131 -8.38 2.96 -11.84
N GLY B 132 -8.13 1.98 -12.76
CA GLY B 132 -8.24 2.19 -14.20
C GLY B 132 -6.95 2.58 -14.86
N TYR B 133 -5.94 2.93 -14.09
CA TYR B 133 -4.65 3.33 -14.69
C TYR B 133 -3.76 2.16 -15.21
N PRO B 134 -3.31 2.24 -16.46
CA PRO B 134 -2.42 1.20 -16.98
C PRO B 134 -1.12 1.28 -16.23
N GLY B 135 -0.44 0.12 -16.01
CA GLY B 135 0.81 0.14 -15.27
C GLY B 135 1.53 -1.14 -15.59
N LYS B 136 2.30 -1.66 -14.64
CA LYS B 136 2.46 -1.07 -13.34
C LYS B 136 3.33 0.15 -13.37
N ILE B 137 3.22 0.95 -12.32
CA ILE B 137 3.97 2.18 -12.22
C ILE B 137 4.80 2.11 -10.99
N GLU B 138 6.13 2.16 -11.18
CA GLU B 138 7.03 2.16 -10.02
C GLU B 138 7.31 3.62 -9.65
N MET B 139 6.81 4.06 -8.49
CA MET B 139 6.96 5.43 -8.10
C MET B 139 7.84 5.63 -6.90
N SER B 140 8.47 6.79 -6.87
CA SER B 140 9.26 7.15 -5.73
C SER B 140 9.14 8.66 -5.52
N VAL B 141 9.03 9.03 -4.27
CA VAL B 141 8.98 10.43 -3.86
C VAL B 141 10.07 10.66 -2.86
N THR B 142 10.96 11.55 -3.17
CA THR B 142 11.98 11.84 -2.21
C THR B 142 11.76 13.21 -1.56
N HIS B 143 11.58 13.20 -0.26
CA HIS B 143 11.45 14.46 0.43
C HIS B 143 12.79 14.73 1.08
N SER B 144 13.36 15.90 0.90
CA SER B 144 14.63 16.19 1.56
C SER B 144 14.60 17.56 2.24
N PHE B 145 15.46 17.73 3.23
CA PHE B 145 15.53 19.00 3.96
C PHE B 145 17.00 19.25 4.21
N ASP B 146 17.40 20.50 4.04
CA ASP B 146 18.79 20.82 4.23
C ASP B 146 19.03 21.98 5.21
N ASP B 147 20.33 22.22 5.37
CA ASP B 147 20.77 23.25 6.27
C ASP B 147 20.43 24.66 5.86
N ASP B 148 20.02 24.77 4.59
CA ASP B 148 19.61 26.04 4.04
C ASP B 148 18.11 26.22 4.13
N ASN B 149 17.43 25.39 4.92
CA ASN B 149 15.99 25.51 5.07
C ASN B 149 15.19 25.25 3.81
N LYS B 150 15.74 24.43 2.92
CA LYS B 150 15.02 24.11 1.73
C LYS B 150 14.39 22.73 1.86
N TRP B 151 13.08 22.66 1.62
CA TRP B 151 12.37 21.40 1.64
C TRP B 151 12.11 21.05 0.17
N LYS B 152 12.76 20.00 -0.32
CA LYS B 152 12.59 19.64 -1.70
C LYS B 152 11.89 18.33 -1.86
N ILE B 153 11.02 18.31 -2.88
CA ILE B 153 10.25 17.14 -3.31
C ILE B 153 10.68 16.74 -4.73
N HIS B 154 11.18 15.53 -4.87
CA HIS B 154 11.60 15.04 -6.16
C HIS B 154 10.78 13.76 -6.51
N TYR B 155 10.05 13.78 -7.61
CA TYR B 155 9.23 12.66 -7.99
C TYR B 155 9.93 11.89 -9.11
N GLU B 156 9.79 10.60 -9.09
CA GLU B 156 10.31 9.77 -10.19
C GLU B 156 9.34 8.61 -10.47
N ALA B 157 9.23 8.23 -11.73
CA ALA B 157 8.33 7.13 -12.04
C ALA B 157 8.66 6.55 -13.41
N ILE B 158 8.38 5.25 -13.50
CA ILE B 158 8.54 4.43 -14.70
C ILE B 158 7.36 3.43 -14.74
N SER B 159 6.74 3.40 -15.93
CA SER B 159 5.62 2.55 -16.26
C SER B 159 5.98 1.48 -17.27
N ASP B 160 5.34 0.33 -17.08
CA ASP B 160 5.51 -0.82 -17.93
C ASP B 160 4.69 -0.62 -19.16
N LYS B 161 3.67 0.24 -19.04
CA LYS B 161 2.74 0.57 -20.10
C LYS B 161 2.50 2.05 -20.28
N ASP B 162 2.12 2.50 -21.49
CA ASP B 162 1.78 3.91 -21.75
C ASP B 162 0.64 4.28 -20.79
N THR B 163 0.81 5.36 -20.03
CA THR B 163 -0.21 5.71 -19.05
C THR B 163 -0.26 7.24 -18.93
N VAL B 164 -0.78 7.75 -17.81
CA VAL B 164 -0.79 9.19 -17.56
C VAL B 164 -0.19 9.40 -16.17
N PHE B 165 0.55 10.48 -15.99
CA PHE B 165 1.16 10.72 -14.69
C PHE B 165 1.37 12.22 -14.42
N ASN B 166 0.87 12.71 -13.31
CA ASN B 166 0.98 14.12 -13.02
C ASN B 166 0.59 14.33 -11.54
N PRO B 167 1.46 13.84 -10.68
CA PRO B 167 1.15 13.93 -9.27
C PRO B 167 1.52 15.30 -8.71
N THR B 168 1.14 15.55 -7.46
CA THR B 168 1.53 16.79 -6.82
C THR B 168 1.59 16.59 -5.28
N GLY B 169 2.00 17.63 -4.55
CA GLY B 169 2.09 17.60 -3.10
C GLY B 169 1.08 18.59 -2.60
N ASN B 170 0.28 18.08 -1.67
CA ASN B 170 -0.88 18.77 -1.11
C ASN B 170 -0.67 19.50 0.21
N VAL B 171 0.50 20.05 0.42
CA VAL B 171 0.68 20.76 1.65
C VAL B 171 -0.20 22.01 1.72
N TYR B 172 -0.59 22.38 2.94
CA TYR B 172 -1.35 23.56 3.18
C TYR B 172 -0.53 24.44 4.12
N PHE B 173 -0.30 25.68 3.78
CA PHE B 173 0.40 26.56 4.68
C PHE B 173 -0.58 27.41 5.43
N ASN B 174 -0.09 27.83 6.59
CA ASN B 174 -0.82 28.75 7.45
C ASN B 174 0.18 29.30 8.44
N LEU B 175 0.80 30.41 8.00
CA LEU B 175 1.83 31.06 8.77
C LEU B 175 1.37 31.62 10.11
N ASN B 176 0.07 31.60 10.33
CA ASN B 176 -0.41 32.05 11.62
C ASN B 176 -0.10 30.98 12.62
N GLY B 177 0.13 29.77 12.13
CA GLY B 177 0.44 28.65 13.00
C GLY B 177 -0.80 28.14 13.74
N ASP B 178 -1.97 28.66 13.36
CA ASP B 178 -3.24 28.27 14.02
C ASP B 178 -4.33 28.22 12.96
N ALA B 179 -4.94 27.04 12.80
CA ALA B 179 -5.93 26.81 11.76
C ALA B 179 -7.16 27.68 11.87
N SER B 180 -7.33 28.19 13.09
CA SER B 180 -8.50 28.99 13.37
C SER B 180 -8.35 30.42 12.93
N GLU B 181 -7.20 30.71 12.35
CA GLU B 181 -6.83 32.02 11.83
C GLU B 181 -6.70 31.99 10.32
N SER B 182 -7.47 32.88 9.70
CA SER B 182 -7.51 33.02 8.24
C SER B 182 -6.17 33.46 7.66
N VAL B 183 -5.84 33.02 6.46
CA VAL B 183 -4.60 33.45 5.83
C VAL B 183 -4.83 34.75 5.03
N GLU B 184 -6.01 35.38 5.19
CA GLU B 184 -6.22 36.63 4.46
C GLU B 184 -5.21 37.70 4.87
N ASN B 185 -4.51 37.49 5.97
CA ASN B 185 -3.53 38.45 6.41
C ASN B 185 -2.17 38.18 5.83
N HIS B 186 -2.07 37.20 4.94
CA HIS B 186 -0.78 36.90 4.39
C HIS B 186 -0.59 37.65 3.10
N GLY B 187 0.66 37.95 2.76
CA GLY B 187 0.95 38.63 1.52
C GLY B 187 1.30 37.54 0.48
N LEU B 188 0.78 37.68 -0.72
CA LEU B 188 1.10 36.72 -1.80
C LEU B 188 1.65 37.40 -3.09
N ARG B 189 2.74 36.81 -3.61
CA ARG B 189 3.33 37.27 -4.87
C ARG B 189 3.37 36.01 -5.77
N LEU B 190 2.88 36.13 -6.99
CA LEU B 190 2.80 35.00 -7.87
C LEU B 190 2.99 35.42 -9.29
N ALA B 191 4.00 34.81 -9.90
CA ALA B 191 4.37 35.11 -11.30
C ALA B 191 3.53 34.46 -12.38
N ALA B 192 2.27 34.83 -12.37
CA ALA B 192 1.30 34.28 -13.31
C ALA B 192 0.32 35.36 -13.78
N SER B 193 0.16 35.46 -15.11
CA SER B 193 -0.73 36.42 -15.78
C SER B 193 -2.04 35.83 -16.23
N ARG B 194 -2.11 34.50 -16.18
CA ARG B 194 -3.35 33.85 -16.62
C ARG B 194 -3.84 32.78 -15.67
N PHE B 195 -5.13 32.46 -15.78
CA PHE B 195 -5.69 31.42 -14.97
C PHE B 195 -6.67 30.55 -15.75
N VAL B 196 -7.09 29.46 -15.14
CA VAL B 196 -8.03 28.55 -15.77
C VAL B 196 -9.35 28.56 -15.01
N PRO B 197 -10.39 29.16 -15.59
CA PRO B 197 -11.66 29.20 -14.89
C PRO B 197 -12.37 27.85 -14.94
N LEU B 198 -13.21 27.65 -13.92
CA LEU B 198 -13.98 26.43 -13.78
C LEU B 198 -15.37 26.62 -14.37
N LYS B 199 -15.92 25.53 -14.89
CA LYS B 199 -17.22 25.61 -15.49
C LYS B 199 -18.34 25.95 -14.55
N ASP B 200 -18.38 25.29 -13.40
CA ASP B 200 -19.42 25.48 -12.38
C ASP B 200 -19.00 24.82 -11.10
N GLN B 201 -20.00 24.52 -10.26
CA GLN B 201 -19.78 23.89 -8.96
C GLN B 201 -19.12 22.52 -9.00
N THR B 202 -19.16 21.85 -10.15
CA THR B 202 -18.52 20.57 -10.25
C THR B 202 -17.03 20.73 -10.37
N GLU B 203 -16.64 21.96 -10.66
CA GLU B 203 -15.23 22.28 -10.69
C GLU B 203 -14.41 21.75 -11.86
N ILE B 204 -15.09 21.28 -12.91
CA ILE B 204 -14.32 20.89 -14.06
C ILE B 204 -13.97 22.20 -14.81
N VAL B 205 -12.93 22.18 -15.64
CA VAL B 205 -12.55 23.40 -16.33
C VAL B 205 -13.55 23.93 -17.33
N ARG B 206 -13.60 25.24 -17.42
CA ARG B 206 -14.52 25.85 -18.32
C ARG B 206 -14.24 25.59 -19.80
N GLY B 207 -12.97 25.65 -20.21
CA GLY B 207 -12.54 25.42 -21.58
C GLY B 207 -11.66 26.54 -22.15
N ASP B 208 -11.66 27.68 -21.43
CA ASP B 208 -10.86 28.83 -21.81
C ASP B 208 -9.79 29.21 -20.77
N ILE B 209 -8.86 30.04 -21.20
CA ILE B 209 -7.77 30.56 -20.38
C ILE B 209 -7.98 32.05 -20.37
N VAL B 210 -7.99 32.60 -19.21
CA VAL B 210 -8.27 33.98 -19.12
C VAL B 210 -7.17 34.76 -18.44
N ASP B 211 -6.88 35.94 -19.01
CA ASP B 211 -5.90 36.91 -18.51
C ASP B 211 -6.44 37.63 -17.25
N ILE B 212 -5.66 37.69 -16.17
CA ILE B 212 -6.14 38.26 -14.90
C ILE B 212 -5.40 39.48 -14.46
N LYS B 213 -4.57 40.00 -15.36
CA LYS B 213 -3.83 41.18 -15.00
C LYS B 213 -4.74 42.29 -14.58
N ASN B 214 -4.36 42.97 -13.51
CA ASN B 214 -5.17 44.07 -13.01
C ASN B 214 -6.54 43.69 -12.50
N THR B 215 -6.71 42.48 -12.04
CA THR B 215 -7.98 42.05 -11.46
C THR B 215 -7.62 41.74 -10.03
N ASP B 216 -8.64 41.36 -9.24
CA ASP B 216 -8.31 41.00 -7.85
C ASP B 216 -7.49 39.68 -7.80
N LEU B 217 -7.33 38.95 -8.93
CA LEU B 217 -6.55 37.72 -8.91
C LEU B 217 -5.09 37.93 -9.37
N ASP B 218 -4.75 39.18 -9.63
CA ASP B 218 -3.41 39.54 -10.08
C ASP B 218 -2.47 39.71 -8.87
N PHE B 219 -1.54 38.76 -8.66
CA PHE B 219 -0.61 38.82 -7.57
C PHE B 219 0.82 38.98 -8.04
N ARG B 220 1.02 39.42 -9.29
CA ARG B 220 2.36 39.60 -9.82
C ARG B 220 3.20 40.49 -8.93
N GLN B 221 2.50 41.48 -8.38
CA GLN B 221 3.05 42.40 -7.38
C GLN B 221 2.34 41.98 -6.09
N GLU B 222 3.11 41.80 -5.04
CA GLU B 222 2.58 41.35 -3.78
C GLU B 222 1.41 42.11 -3.30
N LYS B 223 0.37 41.36 -2.89
CA LYS B 223 -0.80 41.96 -2.28
C LYS B 223 -1.37 41.03 -1.23
N GLN B 224 -2.18 41.53 -0.27
CA GLN B 224 -2.77 40.71 0.78
C GLN B 224 -3.81 39.77 0.20
N LEU B 225 -3.96 38.60 0.82
CA LEU B 225 -4.92 37.64 0.29
C LEU B 225 -6.35 38.10 0.42
N SER B 226 -6.60 39.00 1.37
CA SER B 226 -7.94 39.53 1.58
C SER B 226 -8.52 40.14 0.29
N ASN B 227 -7.63 40.67 -0.57
CA ASN B 227 -8.07 41.27 -1.82
C ASN B 227 -8.82 40.26 -2.67
N ALA B 228 -8.32 39.05 -2.71
CA ALA B 228 -8.97 37.97 -3.48
C ALA B 228 -10.25 37.50 -2.78
N PHE B 229 -10.15 37.30 -1.46
CA PHE B 229 -11.26 36.80 -0.66
C PHE B 229 -12.41 37.74 -0.64
N ASN B 230 -12.07 39.02 -0.77
CA ASN B 230 -13.13 39.97 -0.74
C ASN B 230 -13.73 40.24 -2.11
N SER B 231 -13.09 39.71 -3.13
CA SER B 231 -13.59 39.92 -4.46
C SER B 231 -14.96 39.33 -4.79
N ASN B 232 -15.69 40.00 -5.67
CA ASN B 232 -17.00 39.48 -6.13
C ASN B 232 -16.94 39.02 -7.58
N MET B 233 -15.71 38.85 -8.05
CA MET B 233 -15.51 38.32 -9.39
C MET B 233 -16.22 36.99 -9.38
N GLU B 234 -16.88 36.70 -10.49
CA GLU B 234 -17.64 35.47 -10.66
C GLU B 234 -16.89 34.21 -10.21
N GLN B 235 -15.64 34.10 -10.61
CA GLN B 235 -14.91 32.89 -10.25
C GLN B 235 -14.65 32.75 -8.76
N VAL B 236 -14.46 33.86 -8.08
CA VAL B 236 -14.22 33.81 -6.67
C VAL B 236 -15.49 33.41 -5.97
N GLN B 237 -16.58 33.99 -6.44
CA GLN B 237 -17.83 33.67 -5.82
C GLN B 237 -18.20 32.23 -6.05
N LEU B 238 -17.83 31.71 -7.21
CA LEU B 238 -18.19 30.35 -7.51
C LEU B 238 -17.68 29.36 -6.46
N VAL B 239 -16.41 29.54 -6.08
CA VAL B 239 -15.78 28.62 -5.14
C VAL B 239 -15.61 29.13 -3.74
N LYS B 240 -16.06 30.35 -3.50
CA LYS B 240 -15.94 30.97 -2.19
C LYS B 240 -14.48 31.15 -1.76
N GLY B 241 -13.67 31.59 -2.71
CA GLY B 241 -12.24 31.85 -2.44
C GLY B 241 -11.46 31.54 -3.72
N ILE B 242 -10.33 30.84 -3.61
CA ILE B 242 -9.59 30.49 -4.79
C ILE B 242 -9.50 28.94 -4.81
N ASP B 243 -9.57 28.35 -6.01
CA ASP B 243 -9.46 26.94 -6.19
C ASP B 243 -9.17 26.73 -7.68
N HIS B 244 -8.08 27.33 -8.12
CA HIS B 244 -7.75 27.39 -9.54
C HIS B 244 -6.33 27.20 -9.88
N PRO B 245 -6.14 26.78 -11.12
CA PRO B 245 -4.79 26.62 -11.61
C PRO B 245 -4.35 27.96 -12.14
N PHE B 246 -3.14 28.35 -11.81
CA PHE B 246 -2.54 29.60 -12.29
C PHE B 246 -1.42 29.20 -13.25
N LEU B 247 -1.37 29.80 -14.46
CA LEU B 247 -0.35 29.43 -15.43
C LEU B 247 0.87 30.30 -15.24
N LEU B 248 1.99 29.68 -14.97
CA LEU B 248 3.22 30.44 -14.73
C LEU B 248 3.68 31.14 -16.01
N ASP B 249 4.10 32.39 -15.84
CA ASP B 249 4.52 33.12 -17.03
C ASP B 249 5.88 32.68 -17.55
N GLN B 250 6.80 32.38 -16.66
CA GLN B 250 8.15 31.96 -17.05
C GLN B 250 8.48 30.64 -16.36
N LEU B 251 8.82 29.62 -17.15
CA LEU B 251 9.15 28.31 -16.59
C LEU B 251 10.59 28.12 -16.19
N GLY B 252 10.82 27.23 -15.24
CA GLY B 252 12.17 27.00 -14.82
C GLY B 252 12.28 26.94 -13.32
N LEU B 253 13.10 25.99 -12.90
CA LEU B 253 13.28 25.72 -11.51
C LEU B 253 14.10 26.77 -10.80
N ASP B 254 14.78 27.61 -11.59
CA ASP B 254 15.62 28.68 -11.10
C ASP B 254 14.88 29.94 -10.66
N LYS B 255 13.64 30.13 -11.09
CA LYS B 255 12.83 31.31 -10.79
C LYS B 255 11.93 31.16 -9.56
N GLU B 256 11.84 32.22 -8.75
CA GLU B 256 10.94 32.19 -7.61
C GLU B 256 9.53 32.38 -8.17
N GLN B 257 8.75 31.33 -8.25
CA GLN B 257 7.44 31.43 -8.83
C GLN B 257 6.39 32.04 -7.92
N ALA B 258 6.49 31.76 -6.64
CA ALA B 258 5.56 32.33 -5.65
C ALA B 258 6.24 32.62 -4.33
N ARG B 259 5.67 33.55 -3.61
CA ARG B 259 6.22 33.86 -2.31
C ARG B 259 5.05 34.18 -1.38
N LEU B 260 4.98 33.50 -0.24
CA LEU B 260 3.90 33.71 0.73
C LEU B 260 4.56 34.27 2.01
N THR B 261 4.11 35.47 2.48
CA THR B 261 4.74 36.13 3.63
C THR B 261 3.78 36.54 4.69
N LEU B 262 4.27 36.40 5.90
CA LEU B 262 3.56 36.85 7.08
C LEU B 262 4.62 37.43 8.03
N ASP B 263 4.51 38.73 8.30
CA ASP B 263 5.49 39.37 9.17
C ASP B 263 6.93 39.10 8.69
N ASP B 264 7.74 38.47 9.53
CA ASP B 264 9.14 38.23 9.14
C ASP B 264 9.43 36.89 8.45
N THR B 265 8.35 36.12 8.20
CA THR B 265 8.52 34.80 7.60
C THR B 265 7.96 34.73 6.21
N SER B 266 8.77 34.10 5.34
CA SER B 266 8.32 33.89 3.98
C SER B 266 8.59 32.48 3.53
N ILE B 267 7.76 31.99 2.62
CA ILE B 267 7.98 30.70 2.00
C ILE B 267 8.04 31.02 0.50
N SER B 268 9.11 30.56 -0.15
CA SER B 268 9.28 30.77 -1.57
C SER B 268 9.05 29.44 -2.26
N VAL B 269 8.45 29.53 -3.43
CA VAL B 269 8.13 28.33 -4.18
C VAL B 269 8.85 28.28 -5.52
N PHE B 270 9.57 27.17 -5.76
CA PHE B 270 10.27 26.91 -7.00
C PHE B 270 9.77 25.58 -7.54
N THR B 271 9.72 25.46 -8.87
CA THR B 271 9.27 24.19 -9.44
C THR B 271 9.65 24.13 -10.92
N ASP B 272 9.66 22.93 -11.44
CA ASP B 272 9.92 22.75 -12.85
C ASP B 272 8.61 22.50 -13.64
N GLN B 273 7.49 22.55 -12.91
CA GLN B 273 6.14 22.36 -13.46
C GLN B 273 5.59 23.68 -14.05
N PRO B 274 4.58 23.62 -14.93
CA PRO B 274 4.04 24.80 -15.60
C PRO B 274 2.94 25.60 -14.91
N SER B 275 2.30 25.01 -13.91
CA SER B 275 1.24 25.75 -13.23
C SER B 275 1.25 25.42 -11.74
N ILE B 276 0.45 26.22 -11.01
CA ILE B 276 0.27 26.10 -9.56
C ILE B 276 -1.22 26.20 -9.26
N VAL B 277 -1.75 25.13 -8.69
CA VAL B 277 -3.15 25.15 -8.34
C VAL B 277 -3.23 25.67 -6.91
N ILE B 278 -3.97 26.74 -6.74
CA ILE B 278 -4.12 27.36 -5.44
C ILE B 278 -5.51 27.16 -4.92
N PHE B 279 -5.60 26.50 -3.75
CA PHE B 279 -6.87 26.23 -3.08
C PHE B 279 -6.72 26.79 -1.69
N THR B 280 -7.64 27.66 -1.34
CA THR B 280 -7.63 28.33 -0.07
C THR B 280 -8.55 27.79 1.01
N ALA B 281 -8.66 26.47 1.12
CA ALA B 281 -9.45 25.89 2.20
C ALA B 281 -10.82 26.55 2.42
N ASN B 282 -11.58 26.55 1.33
CA ASN B 282 -12.90 27.17 1.27
C ASN B 282 -13.93 26.28 1.89
N PHE B 283 -13.65 25.79 3.10
CA PHE B 283 -14.57 24.86 3.76
C PHE B 283 -15.75 25.44 4.52
N GLY B 284 -15.90 26.73 4.49
CA GLY B 284 -17.01 27.28 5.24
C GLY B 284 -16.87 26.95 6.71
N ASP B 285 -17.96 26.50 7.28
CA ASP B 285 -18.02 26.18 8.69
C ASP B 285 -17.73 24.72 9.10
N LEU B 286 -17.26 23.90 8.14
CA LEU B 286 -16.91 22.52 8.38
C LEU B 286 -16.15 22.37 9.71
N GLY B 287 -15.16 23.25 9.91
CA GLY B 287 -14.37 23.30 11.12
C GLY B 287 -13.58 22.06 11.55
N THR B 288 -12.86 21.45 10.65
CA THR B 288 -12.00 20.31 11.00
C THR B 288 -10.98 20.75 12.07
N LEU B 289 -10.83 19.97 13.14
CA LEU B 289 -9.90 20.29 14.23
C LEU B 289 -8.44 19.95 13.94
N TYR B 290 -7.59 20.95 14.05
CA TYR B 290 -6.17 20.83 13.85
C TYR B 290 -5.55 21.20 15.14
N HIS B 291 -4.99 20.21 15.84
CA HIS B 291 -4.37 20.52 17.11
C HIS B 291 -5.37 21.17 18.05
N GLU B 292 -6.59 20.66 18.00
CA GLU B 292 -7.67 21.14 18.83
C GLU B 292 -8.21 22.52 18.46
N LYS B 293 -7.74 23.08 17.33
CA LYS B 293 -8.23 24.38 16.86
C LYS B 293 -9.13 24.05 15.73
N LYS B 294 -10.29 24.68 15.73
CA LYS B 294 -11.27 24.47 14.67
C LYS B 294 -10.84 25.31 13.47
N GLN B 295 -10.61 24.63 12.37
CA GLN B 295 -10.18 25.35 11.21
C GLN B 295 -11.24 26.30 10.64
N VAL B 296 -10.80 27.51 10.28
CA VAL B 296 -11.70 28.52 9.69
C VAL B 296 -11.73 28.47 8.16
N HIS B 297 -12.81 29.05 7.61
CA HIS B 297 -12.94 29.19 6.17
C HIS B 297 -11.67 29.99 5.76
N HIS B 298 -10.94 29.56 4.75
CA HIS B 298 -9.72 30.27 4.38
C HIS B 298 -8.59 30.07 5.40
N GLY B 299 -8.73 29.02 6.20
CA GLY B 299 -7.73 28.72 7.18
C GLY B 299 -6.49 27.98 6.64
N GLY B 300 -6.15 28.10 5.36
CA GLY B 300 -4.98 27.42 4.82
C GLY B 300 -4.86 27.71 3.32
N ILE B 301 -3.69 27.51 2.70
CA ILE B 301 -3.53 27.71 1.28
C ILE B 301 -2.53 26.69 0.70
N THR B 302 -2.85 26.12 -0.47
CA THR B 302 -1.94 25.15 -1.09
C THR B 302 -1.19 25.80 -2.24
N PHE B 303 -0.13 25.16 -2.73
CA PHE B 303 0.61 25.57 -3.90
C PHE B 303 0.90 24.24 -4.60
N GLU B 304 -0.10 23.64 -5.22
CA GLU B 304 0.10 22.35 -5.89
C GLU B 304 0.73 22.58 -7.24
N CYS B 305 2.01 22.28 -7.35
CA CYS B 305 2.66 22.50 -8.61
C CYS B 305 2.51 21.25 -9.44
N GLN B 306 2.06 21.44 -10.68
CA GLN B 306 1.86 20.31 -11.60
C GLN B 306 1.51 20.83 -12.98
N VAL B 307 1.18 19.91 -13.86
CA VAL B 307 0.70 20.32 -15.15
C VAL B 307 -0.76 20.67 -14.80
N SER B 308 -1.30 21.78 -15.33
CA SER B 308 -2.67 22.17 -14.99
C SER B 308 -3.71 21.10 -15.27
N PRO B 309 -4.68 20.97 -14.36
CA PRO B 309 -5.79 20.08 -14.64
C PRO B 309 -6.59 20.65 -15.87
N GLY B 310 -7.35 19.79 -16.58
CA GLY B 310 -8.16 20.15 -17.71
C GLY B 310 -7.45 19.98 -19.02
N SER B 311 -6.22 19.47 -19.07
CA SER B 311 -5.58 19.39 -20.38
C SER B 311 -6.35 18.44 -21.26
N GLU B 312 -7.27 17.68 -20.65
CA GLU B 312 -8.06 16.77 -21.46
C GLU B 312 -8.90 17.60 -22.43
N GLN B 313 -9.39 18.75 -21.93
CA GLN B 313 -10.20 19.66 -22.71
C GLN B 313 -9.42 20.82 -23.34
N ILE B 314 -8.32 21.21 -22.77
CA ILE B 314 -7.51 22.33 -23.22
C ILE B 314 -6.08 21.87 -23.39
N PRO B 315 -5.87 21.29 -24.55
CA PRO B 315 -4.62 20.73 -24.96
C PRO B 315 -3.40 21.65 -24.79
N GLU B 316 -3.62 22.94 -24.87
CA GLU B 316 -2.60 23.95 -24.71
C GLU B 316 -1.93 23.87 -23.33
N LEU B 317 -2.70 23.37 -22.31
CA LEU B 317 -2.20 23.23 -20.93
C LEU B 317 -1.02 22.28 -20.79
N GLY B 318 -0.99 21.29 -21.69
CA GLY B 318 0.09 20.32 -21.67
C GLY B 318 -0.39 18.91 -22.01
N ASP B 319 0.55 17.99 -21.84
CA ASP B 319 0.37 16.57 -22.10
C ASP B 319 0.89 15.75 -20.92
N ILE B 320 0.01 15.01 -20.26
CA ILE B 320 0.46 14.25 -19.09
C ILE B 320 0.67 12.82 -19.38
N SER B 321 0.72 12.51 -20.64
CA SER B 321 0.90 11.15 -20.96
C SER B 321 2.32 10.72 -20.53
N LEU B 322 2.51 9.41 -20.26
CA LEU B 322 3.80 8.86 -19.88
C LEU B 322 4.03 7.58 -20.68
N LYS B 323 5.04 7.60 -21.52
CA LYS B 323 5.29 6.44 -22.34
C LYS B 323 5.96 5.33 -21.58
N ALA B 324 5.58 4.12 -21.96
CA ALA B 324 6.17 2.95 -21.38
C ALA B 324 7.68 3.07 -21.38
N GLY B 325 8.31 2.83 -20.24
CA GLY B 325 9.77 2.86 -20.16
C GLY B 325 10.41 4.23 -20.02
N GLU B 326 9.61 5.27 -20.25
CA GLU B 326 10.16 6.61 -20.13
C GLU B 326 10.16 7.06 -18.66
N LYS B 327 11.23 7.69 -18.21
CA LYS B 327 11.32 8.11 -16.83
C LYS B 327 10.72 9.45 -16.53
N TYR B 328 9.73 9.49 -15.66
CA TYR B 328 9.16 10.77 -15.28
C TYR B 328 9.95 11.40 -14.14
N GLN B 329 10.05 12.71 -14.14
CA GLN B 329 10.70 13.40 -13.06
C GLN B 329 10.05 14.74 -12.86
N ALA B 330 10.04 15.21 -11.63
CA ALA B 330 9.49 16.53 -11.31
C ALA B 330 10.14 16.93 -10.04
N THR B 331 10.32 18.23 -9.88
CA THR B 331 10.93 18.77 -8.70
C THR B 331 10.23 20.05 -8.29
N THR B 332 9.93 20.13 -7.02
CA THR B 332 9.28 21.27 -6.45
C THR B 332 10.01 21.59 -5.13
N ILE B 333 10.25 22.87 -4.88
CA ILE B 333 10.92 23.28 -3.70
C ILE B 333 10.24 24.44 -2.96
N TYR B 334 10.16 24.25 -1.66
CA TYR B 334 9.59 25.23 -0.75
C TYR B 334 10.71 25.69 0.14
N SER B 335 11.04 26.99 0.07
CA SER B 335 12.14 27.42 0.93
C SER B 335 11.70 28.43 1.94
N LEU B 336 12.25 28.32 3.13
CA LEU B 336 11.88 29.19 4.20
C LEU B 336 12.95 30.24 4.40
N HIS B 337 12.49 31.50 4.57
CA HIS B 337 13.33 32.68 4.83
C HIS B 337 12.76 33.56 5.92
N THR B 338 13.64 34.31 6.50
CA THR B 338 13.26 35.22 7.54
C THR B 338 13.72 36.59 7.14
N LYS B 339 12.87 37.60 7.39
CA LYS B 339 13.17 38.98 7.07
C LYS B 339 13.53 39.21 5.62
N LEU B 340 12.89 38.46 4.72
CA LEU B 340 13.12 38.60 3.28
C LEU B 340 12.69 39.96 2.72
N GLU B 341 11.65 40.52 3.38
CA GLU B 341 11.01 41.77 3.02
C GLU B 341 10.28 42.37 4.23
N HIS B 342 9.72 43.56 4.04
CA HIS B 342 9.02 44.24 5.11
C HIS B 342 7.55 43.98 4.97
N HIS B 343 6.97 43.29 5.89
CA HIS B 343 5.56 43.01 5.77
C HIS B 343 4.95 43.30 7.12
N HIS B 344 4.39 44.48 7.24
CA HIS B 344 3.81 44.91 8.50
C HIS B 344 2.43 45.45 8.28
N HIS B 345 1.44 44.60 8.40
CA HIS B 345 0.05 44.96 8.14
C HIS B 345 -0.85 44.60 9.28
N HIS B 346 -2.08 44.99 9.11
CA HIS B 346 -3.04 44.68 10.11
C HIS B 346 -4.37 44.40 9.48
N HIS B 347 -5.03 43.40 10.03
CA HIS B 347 -6.32 43.01 9.51
C HIS B 347 -7.36 43.27 10.56
#